data_1M7G
#
_entry.id   1M7G
#
_cell.length_a   81.520
_cell.length_b   84.320
_cell.length_c   137.260
_cell.angle_alpha   90.00
_cell.angle_beta   90.00
_cell.angle_gamma   90.00
#
_symmetry.space_group_name_H-M   'P 21 21 21'
#
loop_
_entity.id
_entity.type
_entity.pdbx_description
1 polymer 'Adenylylsulfate kinase'
2 non-polymer 'SULFATE ION'
3 non-polymer "ADENOSINE-5'-DIPHOSPHATE-2',3'-VANADATE"
4 non-polymer "ADENOSINE-5'-PHOSPHOSULFATE"
5 non-polymer "ADENOSINE-5'-DIPHOSPHATE"
6 non-polymer GLYCEROL
7 water water
#
_entity_poly.entity_id   1
_entity_poly.type   'polypeptide(L)'
_entity_poly.pdbx_seq_one_letter_code
;MSTNITFHASALTRSERTELRNQRGLTIWLTGLSASGKSTLAVELEHQLVRDRRVHAYRLDGDNIRFGLNKDLGFSEADR
NENIRRIAEVAKLFADSNSIAITSFISPYRKDRDTARQLHEVATPGEETGLPFVEVYVDVPVEVAEQRDPKGLYKKAREG
VIKEFTGISAPYEAPANPEVHVKNYELPVQDAVKQIIDYLDTKGYLPAKKE
;
_entity_poly.pdbx_strand_id   A,B,C,D
#
loop_
_chem_comp.id
_chem_comp.type
_chem_comp.name
_chem_comp.formula
ADP non-polymer ADENOSINE-5'-DIPHOSPHATE 'C10 H15 N5 O10 P2'
ADX RNA linking ADENOSINE-5'-PHOSPHOSULFATE 'C10 H14 N5 O10 P S'
AV2 non-polymer ADENOSINE-5'-DIPHOSPHATE-2',3'-VANADATE 'C10 H14 N5 O12 P2 V'
GOL non-polymer GLYCEROL 'C3 H8 O3'
SO4 non-polymer 'SULFATE ION' 'O4 S -2'
#
# COMPACT_ATOMS: atom_id res chain seq x y z
N SER A 2 24.90 14.07 36.18
CA SER A 2 25.70 14.57 37.36
C SER A 2 27.18 14.21 37.23
N THR A 3 28.05 14.90 37.97
CA THR A 3 29.49 14.64 37.84
C THR A 3 29.85 13.19 38.07
N ASN A 4 30.64 12.67 37.16
CA ASN A 4 31.01 11.27 37.24
C ASN A 4 32.36 11.14 37.90
N ILE A 5 32.56 9.97 38.52
CA ILE A 5 33.84 9.63 39.10
C ILE A 5 34.11 8.17 38.74
N THR A 6 35.33 7.71 38.98
CA THR A 6 35.65 6.31 38.70
C THR A 6 35.30 5.41 39.89
N PHE A 7 35.24 4.10 39.63
CA PHE A 7 34.98 3.17 40.73
C PHE A 7 36.06 3.28 41.76
N HIS A 8 37.32 3.48 41.34
CA HIS A 8 38.39 3.60 42.31
C HIS A 8 38.09 4.76 43.29
N ALA A 9 37.76 5.92 42.73
CA ALA A 9 37.46 7.12 43.51
C ALA A 9 36.23 6.97 44.39
N SER A 10 35.33 6.04 44.06
CA SER A 10 34.07 5.85 44.80
C SER A 10 34.08 5.28 46.20
N ALA A 11 35.14 4.61 46.54
CA ALA A 11 35.21 3.93 47.86
C ALA A 11 34.22 2.75 48.00
N LEU A 12 33.48 2.41 46.94
CA LEU A 12 32.62 1.22 47.01
C LEU A 12 33.55 0.01 47.15
N THR A 13 33.11 -1.00 47.90
CA THR A 13 33.94 -2.21 48.08
C THR A 13 33.85 -3.15 46.91
N ARG A 14 34.65 -4.22 46.91
CA ARG A 14 34.57 -5.15 45.81
C ARG A 14 33.17 -5.70 45.59
N SER A 15 32.47 -6.13 46.63
CA SER A 15 31.13 -6.67 46.46
C SER A 15 30.17 -5.60 45.97
N GLU A 16 30.37 -4.37 46.40
CA GLU A 16 29.47 -3.30 46.00
C GLU A 16 29.71 -2.90 44.57
N ARG A 17 30.97 -2.91 44.15
CA ARG A 17 31.31 -2.54 42.78
C ARG A 17 30.80 -3.55 41.80
N THR A 18 31.02 -4.81 42.11
CA THR A 18 30.60 -5.82 41.18
C THR A 18 29.10 -5.88 41.12
N GLU A 19 28.39 -5.72 42.24
CA GLU A 19 26.94 -5.77 42.20
C GLU A 19 26.39 -4.66 41.30
N LEU A 20 26.94 -3.48 41.45
CA LEU A 20 26.45 -2.33 40.69
C LEU A 20 26.74 -2.45 39.21
N ARG A 21 27.97 -2.80 38.85
CA ARG A 21 28.27 -2.89 37.42
C ARG A 21 27.80 -4.15 36.72
N ASN A 22 27.31 -5.11 37.48
CA ASN A 22 26.77 -6.33 36.90
C ASN A 22 25.24 -6.23 36.76
N GLN A 23 24.68 -5.07 37.05
CA GLN A 23 23.23 -4.94 36.89
C GLN A 23 22.80 -5.05 35.45
N ARG A 24 23.67 -4.58 34.56
CA ARG A 24 23.38 -4.66 33.13
C ARG A 24 24.53 -5.39 32.48
N GLY A 25 24.70 -5.24 31.17
CA GLY A 25 25.77 -5.96 30.49
C GLY A 25 27.04 -5.18 30.29
N LEU A 26 27.78 -5.49 29.22
CA LEU A 26 29.02 -4.80 28.94
C LEU A 26 29.37 -5.06 27.49
N THR A 27 30.38 -4.33 27.01
CA THR A 27 30.85 -4.48 25.67
C THR A 27 32.29 -4.93 25.66
N ILE A 28 32.56 -5.93 24.82
CA ILE A 28 33.93 -6.41 24.62
C ILE A 28 34.25 -5.95 23.20
N TRP A 29 35.13 -4.96 23.10
CA TRP A 29 35.45 -4.29 21.87
C TRP A 29 36.78 -4.82 21.32
N LEU A 30 36.71 -5.64 20.29
CA LEU A 30 37.92 -6.17 19.68
C LEU A 30 38.39 -5.19 18.61
N THR A 31 39.69 -4.89 18.59
CA THR A 31 40.27 -4.00 17.61
C THR A 31 41.58 -4.60 17.11
N GLY A 32 41.86 -4.39 15.82
CA GLY A 32 43.09 -4.96 15.25
C GLY A 32 42.96 -4.96 13.77
N LEU A 33 44.08 -5.26 13.11
CA LEU A 33 44.12 -5.28 11.65
C LEU A 33 43.10 -6.22 11.01
N SER A 34 42.80 -5.95 9.75
CA SER A 34 41.97 -6.90 9.01
C SER A 34 42.71 -8.24 9.05
N ALA A 35 41.96 -9.28 9.35
CA ALA A 35 42.48 -10.64 9.43
C ALA A 35 43.37 -10.91 10.62
N SER A 36 43.35 -10.03 11.62
CA SER A 36 44.11 -10.31 12.84
C SER A 36 43.42 -11.44 13.63
N GLY A 37 42.13 -11.65 13.36
CA GLY A 37 41.40 -12.74 14.01
C GLY A 37 40.27 -12.31 14.92
N LYS A 38 39.84 -11.07 14.81
CA LYS A 38 38.78 -10.56 15.71
C LYS A 38 37.49 -11.38 15.68
N SER A 39 36.91 -11.56 14.51
CA SER A 39 35.66 -12.29 14.47
C SER A 39 35.83 -13.75 14.93
N THR A 40 36.98 -14.33 14.65
CA THR A 40 37.24 -15.72 15.08
C THR A 40 37.27 -15.79 16.58
N LEU A 41 37.92 -14.81 17.19
CA LEU A 41 37.97 -14.78 18.65
C LEU A 41 36.58 -14.50 19.19
N ALA A 42 35.83 -13.62 18.52
CA ALA A 42 34.48 -13.31 19.01
C ALA A 42 33.57 -14.52 19.01
N VAL A 43 33.64 -15.33 17.96
CA VAL A 43 32.80 -16.53 17.89
C VAL A 43 33.17 -17.51 19.00
N GLU A 44 34.45 -17.71 19.23
CA GLU A 44 34.85 -18.64 20.29
C GLU A 44 34.52 -18.08 21.68
N LEU A 45 34.70 -16.76 21.84
CA LEU A 45 34.40 -16.10 23.09
C LEU A 45 32.91 -16.22 23.39
N GLU A 46 32.03 -15.95 22.41
CA GLU A 46 30.61 -16.11 22.60
C GLU A 46 30.32 -17.56 22.94
N HIS A 47 30.94 -18.48 22.22
CA HIS A 47 30.67 -19.90 22.48
C HIS A 47 30.99 -20.26 23.93
N GLN A 48 32.18 -19.90 24.40
CA GLN A 48 32.52 -20.23 25.77
C GLN A 48 31.67 -19.51 26.79
N LEU A 49 31.41 -18.23 26.58
CA LEU A 49 30.60 -17.49 27.54
C LEU A 49 29.20 -18.05 27.67
N VAL A 50 28.56 -18.34 26.53
CA VAL A 50 27.21 -18.85 26.57
C VAL A 50 27.19 -20.28 27.10
N ARG A 51 28.11 -21.10 26.61
CA ARG A 51 28.22 -22.51 27.01
C ARG A 51 28.59 -22.74 28.47
N ASP A 52 29.74 -22.20 28.87
CA ASP A 52 30.25 -22.42 30.21
C ASP A 52 29.82 -21.46 31.29
N ARG A 53 29.42 -20.27 30.92
CA ARG A 53 29.00 -19.34 31.96
C ARG A 53 27.53 -19.01 31.89
N ARG A 54 26.86 -19.49 30.85
CA ARG A 54 25.45 -19.23 30.70
C ARG A 54 25.01 -17.78 30.58
N VAL A 55 25.83 -16.90 30.01
CA VAL A 55 25.41 -15.50 29.88
C VAL A 55 24.86 -15.23 28.49
N HIS A 56 24.19 -14.10 28.29
CA HIS A 56 23.70 -13.76 26.95
C HIS A 56 24.77 -12.91 26.27
N ALA A 57 25.04 -13.16 25.00
CA ALA A 57 26.04 -12.37 24.27
C ALA A 57 25.58 -12.25 22.84
N TYR A 58 25.97 -11.16 22.19
CA TYR A 58 25.61 -10.98 20.79
C TYR A 58 26.76 -10.34 20.09
N ARG A 59 27.08 -10.87 18.91
CA ARG A 59 28.19 -10.35 18.13
C ARG A 59 27.77 -9.33 17.10
N LEU A 60 28.52 -8.24 17.02
CA LEU A 60 28.35 -7.23 15.98
C LEU A 60 29.62 -7.31 15.12
N ASP A 61 29.45 -7.46 13.80
CA ASP A 61 30.61 -7.55 12.93
C ASP A 61 30.26 -6.95 11.60
N GLY A 62 31.19 -7.01 10.65
CA GLY A 62 30.92 -6.41 9.35
C GLY A 62 29.72 -7.04 8.68
N ASP A 63 29.54 -8.32 8.84
CA ASP A 63 28.43 -8.96 8.17
C ASP A 63 27.07 -8.49 8.65
N ASN A 64 26.88 -8.23 9.95
CA ASN A 64 25.56 -7.79 10.38
C ASN A 64 25.41 -6.31 10.54
N ILE A 65 26.50 -5.57 10.38
CA ILE A 65 26.40 -4.12 10.46
C ILE A 65 26.65 -3.41 9.13
N ARG A 66 27.68 -3.81 8.35
CA ARG A 66 28.02 -2.98 7.19
C ARG A 66 27.21 -3.10 5.94
N PHE A 67 26.26 -4.02 5.98
CA PHE A 67 25.35 -4.16 4.84
C PHE A 67 23.94 -3.81 5.26
N GLY A 68 23.77 -3.31 6.49
CA GLY A 68 22.46 -2.96 7.00
C GLY A 68 22.51 -1.56 7.54
N LEU A 69 22.62 -1.44 8.87
CA LEU A 69 22.71 -0.15 9.51
C LEU A 69 23.71 0.75 8.84
N ASN A 70 24.90 0.21 8.54
CA ASN A 70 25.97 1.05 7.98
C ASN A 70 26.26 0.83 6.52
N LYS A 71 25.25 0.39 5.76
CA LYS A 71 25.42 0.16 4.33
C LYS A 71 25.72 1.46 3.58
N ASP A 72 25.40 2.60 4.18
CA ASP A 72 25.63 3.91 3.57
C ASP A 72 27.05 4.43 3.78
N LEU A 73 27.87 3.64 4.49
CA LEU A 73 29.24 4.06 4.79
C LEU A 73 30.31 3.24 4.10
N GLY A 74 31.36 3.94 3.67
CA GLY A 74 32.52 3.34 3.05
C GLY A 74 33.70 3.28 4.02
N PHE A 75 34.89 3.55 3.48
CA PHE A 75 36.14 3.47 4.21
C PHE A 75 36.95 4.74 4.29
N SER A 76 36.35 5.86 3.87
CA SER A 76 37.03 7.12 4.09
C SER A 76 37.19 7.30 5.61
N GLU A 77 38.12 8.16 6.01
CA GLU A 77 38.30 8.38 7.42
C GLU A 77 37.00 8.82 8.08
N ALA A 78 36.29 9.76 7.46
CA ALA A 78 35.04 10.24 8.07
C ALA A 78 34.03 9.10 8.15
N ASP A 79 33.96 8.26 7.13
CA ASP A 79 32.98 7.15 7.17
C ASP A 79 33.38 6.11 8.23
N ARG A 80 34.67 5.88 8.45
CA ARG A 80 35.08 4.98 9.51
C ARG A 80 34.74 5.60 10.87
N ASN A 81 34.92 6.92 11.04
CA ASN A 81 34.55 7.56 12.32
C ASN A 81 33.06 7.33 12.56
N GLU A 82 32.25 7.53 11.54
CA GLU A 82 30.83 7.32 11.70
C GLU A 82 30.43 5.85 11.88
N ASN A 83 31.15 4.96 11.20
CA ASN A 83 30.87 3.53 11.32
C ASN A 83 31.04 3.11 12.79
N ILE A 84 32.16 3.52 13.35
CA ILE A 84 32.47 3.19 14.73
C ILE A 84 31.57 3.90 15.73
N ARG A 85 31.23 5.16 15.48
CA ARG A 85 30.32 5.83 16.38
C ARG A 85 28.99 5.06 16.47
N ARG A 86 28.44 4.73 15.32
CA ARG A 86 27.17 4.03 15.30
C ARG A 86 27.26 2.66 15.93
N ILE A 87 28.33 1.91 15.61
CA ILE A 87 28.48 0.61 16.23
C ILE A 87 28.57 0.73 17.73
N ALA A 88 29.33 1.72 18.20
CA ALA A 88 29.47 1.88 19.64
C ALA A 88 28.11 2.13 20.28
N GLU A 89 27.31 2.97 19.62
CA GLU A 89 25.98 3.23 20.21
C GLU A 89 25.13 1.96 20.21
N VAL A 90 25.25 1.13 19.19
CA VAL A 90 24.46 -0.09 19.16
C VAL A 90 24.97 -1.05 20.21
N ALA A 91 26.29 -1.20 20.33
CA ALA A 91 26.85 -2.09 21.38
C ALA A 91 26.37 -1.60 22.76
N LYS A 92 26.33 -0.29 22.97
CA LYS A 92 25.84 0.26 24.24
C LYS A 92 24.39 -0.17 24.49
N LEU A 93 23.54 -0.16 23.46
CA LEU A 93 22.15 -0.62 23.65
C LEU A 93 22.15 -2.09 24.06
N PHE A 94 22.95 -2.94 23.40
CA PHE A 94 22.98 -4.31 23.84
C PHE A 94 23.48 -4.44 25.28
N ALA A 95 24.53 -3.71 25.64
CA ALA A 95 25.03 -3.77 27.02
C ALA A 95 23.92 -3.29 27.98
N ASP A 96 23.21 -2.22 27.60
CA ASP A 96 22.13 -1.70 28.46
C ASP A 96 21.04 -2.74 28.63
N SER A 97 20.80 -3.52 27.57
CA SER A 97 19.77 -4.55 27.60
C SER A 97 20.12 -5.78 28.40
N ASN A 98 21.32 -5.78 28.98
CA ASN A 98 21.82 -6.86 29.79
C ASN A 98 22.32 -8.05 29.01
N SER A 99 23.02 -7.74 27.93
CA SER A 99 23.73 -8.73 27.15
C SER A 99 25.19 -8.26 27.09
N ILE A 100 26.06 -9.19 26.74
CA ILE A 100 27.44 -8.87 26.45
C ILE A 100 27.55 -8.66 24.95
N ALA A 101 27.85 -7.44 24.56
CA ALA A 101 28.02 -7.13 23.15
C ALA A 101 29.47 -7.38 22.79
N ILE A 102 29.73 -8.13 21.73
CA ILE A 102 31.11 -8.39 21.32
C ILE A 102 31.23 -7.79 19.92
N THR A 103 32.17 -6.89 19.72
CA THR A 103 32.31 -6.20 18.42
C THR A 103 33.62 -6.56 17.78
N SER A 104 33.59 -6.72 16.45
CA SER A 104 34.80 -7.11 15.73
C SER A 104 35.04 -6.18 14.55
N PHE A 105 35.48 -4.98 14.80
CA PHE A 105 35.76 -4.00 13.75
C PHE A 105 37.17 -3.52 13.90
N ILE A 106 37.80 -3.24 12.77
CA ILE A 106 39.20 -2.79 12.82
C ILE A 106 39.38 -1.65 13.80
N SER A 107 38.46 -0.70 13.73
CA SER A 107 38.47 0.51 14.58
C SER A 107 39.90 0.99 14.71
N PRO A 108 40.47 1.44 13.59
CA PRO A 108 41.86 1.89 13.54
C PRO A 108 42.26 3.16 14.23
N TYR A 109 41.30 4.06 14.45
CA TYR A 109 41.61 5.33 15.08
C TYR A 109 41.38 5.37 16.56
N ARG A 110 42.42 5.74 17.27
CA ARG A 110 42.33 5.87 18.70
C ARG A 110 41.18 6.83 19.10
N LYS A 111 41.02 7.95 18.40
CA LYS A 111 39.95 8.87 18.81
C LYS A 111 38.57 8.22 18.75
N ASP A 112 38.34 7.34 17.77
CA ASP A 112 37.04 6.71 17.69
C ASP A 112 36.85 5.65 18.76
N ARG A 113 37.90 4.90 19.07
CA ARG A 113 37.78 3.95 20.13
C ARG A 113 37.58 4.68 21.47
N ASP A 114 38.17 5.86 21.60
CA ASP A 114 37.98 6.63 22.83
C ASP A 114 36.54 7.17 22.89
N THR A 115 36.01 7.59 21.76
CA THR A 115 34.60 8.02 21.73
C THR A 115 33.68 6.84 22.08
N ALA A 116 33.98 5.66 21.53
CA ALA A 116 33.17 4.48 21.82
C ALA A 116 33.22 4.17 23.33
N ARG A 117 34.42 4.23 23.91
CA ARG A 117 34.59 3.96 25.32
C ARG A 117 33.79 4.97 26.16
N GLN A 118 33.94 6.24 25.83
CA GLN A 118 33.31 7.29 26.61
C GLN A 118 31.81 7.16 26.62
N LEU A 119 31.20 6.85 25.48
CA LEU A 119 29.75 6.76 25.49
C LEU A 119 29.25 5.58 26.29
N HIS A 120 30.08 4.55 26.44
CA HIS A 120 29.71 3.43 27.30
C HIS A 120 29.93 3.78 28.77
N GLU A 121 31.10 4.35 29.08
CA GLU A 121 31.48 4.53 30.46
C GLU A 121 30.75 5.65 31.20
N VAL A 122 30.20 6.63 30.50
CA VAL A 122 29.53 7.73 31.19
C VAL A 122 28.27 7.26 31.89
N ALA A 123 28.04 7.79 33.09
CA ALA A 123 26.84 7.51 33.84
C ALA A 123 25.96 8.69 33.46
N THR A 124 24.99 8.45 32.58
CA THR A 124 24.12 9.54 32.13
C THR A 124 23.03 9.85 33.15
N PRO A 125 22.57 11.11 33.18
CA PRO A 125 21.51 11.55 34.10
C PRO A 125 20.39 10.51 34.25
N GLY A 126 20.14 10.06 35.47
CA GLY A 126 19.07 9.09 35.68
C GLY A 126 19.52 7.67 35.89
N GLU A 127 20.79 7.39 35.60
CA GLU A 127 21.40 6.07 35.76
C GLU A 127 22.48 6.38 36.80
N GLU A 128 22.92 5.41 37.59
CA GLU A 128 23.97 5.73 38.55
C GLU A 128 25.34 5.27 38.09
N THR A 129 25.37 4.50 37.01
CA THR A 129 26.63 3.98 36.53
C THR A 129 26.60 3.85 35.01
N GLY A 130 27.79 3.87 34.40
CA GLY A 130 27.87 3.59 32.97
C GLY A 130 27.98 2.07 32.82
N LEU A 131 28.41 1.68 31.63
CA LEU A 131 28.52 0.28 31.22
C LEU A 131 29.98 -0.02 30.94
N PRO A 132 30.47 -1.20 31.40
CA PRO A 132 31.87 -1.52 31.13
C PRO A 132 32.18 -1.68 29.65
N PHE A 133 33.39 -1.26 29.28
CA PHE A 133 33.89 -1.31 27.93
C PHE A 133 35.29 -1.96 28.02
N VAL A 134 35.37 -3.18 27.50
CA VAL A 134 36.61 -3.94 27.59
C VAL A 134 37.25 -3.96 26.23
N GLU A 135 38.30 -3.20 26.08
CA GLU A 135 38.99 -3.10 24.79
C GLU A 135 40.03 -4.19 24.71
N VAL A 136 39.97 -4.95 23.63
CA VAL A 136 40.88 -6.07 23.41
C VAL A 136 41.65 -5.83 22.12
N TYR A 137 42.95 -5.63 22.24
CA TYR A 137 43.81 -5.44 21.08
C TYR A 137 44.19 -6.82 20.56
N VAL A 138 43.64 -7.16 19.40
CA VAL A 138 43.94 -8.45 18.73
C VAL A 138 45.11 -8.08 17.84
N ASP A 139 46.31 -8.39 18.33
CA ASP A 139 47.57 -7.96 17.74
C ASP A 139 48.30 -9.01 16.95
N VAL A 140 48.43 -8.74 15.66
CA VAL A 140 49.32 -9.57 14.84
C VAL A 140 50.13 -8.64 13.97
N PRO A 141 51.32 -9.08 13.54
CA PRO A 141 52.12 -8.25 12.64
C PRO A 141 51.39 -8.28 11.29
N VAL A 142 51.58 -7.25 10.48
CA VAL A 142 50.90 -7.21 9.21
C VAL A 142 51.31 -8.41 8.34
N GLU A 143 52.53 -8.92 8.49
CA GLU A 143 52.94 -10.07 7.68
C GLU A 143 52.08 -11.31 7.98
N VAL A 144 51.64 -11.44 9.23
CA VAL A 144 50.79 -12.56 9.59
C VAL A 144 49.40 -12.32 9.01
N ALA A 145 48.86 -11.10 9.11
CA ALA A 145 47.54 -10.87 8.52
C ALA A 145 47.57 -11.15 7.02
N GLU A 146 48.69 -10.84 6.38
CA GLU A 146 48.80 -11.04 4.94
C GLU A 146 48.81 -12.51 4.54
N GLN A 147 49.10 -13.38 5.49
CA GLN A 147 49.11 -14.81 5.20
C GLN A 147 47.72 -15.39 5.56
N ARG A 148 46.80 -14.52 5.98
CA ARG A 148 45.44 -14.93 6.31
C ARG A 148 44.57 -14.13 5.35
N ASP A 149 44.87 -14.17 4.06
CA ASP A 149 44.15 -13.31 3.13
C ASP A 149 43.49 -14.06 1.98
N PRO A 150 42.50 -14.92 2.29
CA PRO A 150 41.87 -15.67 1.19
C PRO A 150 41.26 -14.80 0.12
N LYS A 151 40.75 -13.64 0.49
CA LYS A 151 40.12 -12.78 -0.49
C LYS A 151 41.11 -11.87 -1.19
N GLY A 152 42.38 -11.93 -0.77
CA GLY A 152 43.43 -11.14 -1.38
C GLY A 152 43.29 -9.64 -1.19
N LEU A 153 42.72 -9.23 -0.07
CA LEU A 153 42.54 -7.80 0.18
C LEU A 153 43.87 -7.11 0.38
N TYR A 154 44.82 -7.72 1.06
CA TYR A 154 46.11 -7.10 1.25
C TYR A 154 46.80 -7.03 -0.09
N LYS A 155 46.59 -8.06 -0.90
CA LYS A 155 47.19 -8.10 -2.23
C LYS A 155 46.64 -6.92 -3.04
N LYS A 156 45.32 -6.79 -3.05
CA LYS A 156 44.72 -5.66 -3.77
C LYS A 156 45.19 -4.31 -3.21
N ALA A 157 45.38 -4.25 -1.90
CA ALA A 157 45.86 -3.01 -1.28
C ALA A 157 47.25 -2.69 -1.77
N ARG A 158 48.14 -3.67 -1.79
CA ARG A 158 49.48 -3.41 -2.25
C ARG A 158 49.53 -3.06 -3.75
N GLU A 159 48.53 -3.50 -4.50
CA GLU A 159 48.48 -3.22 -5.94
C GLU A 159 47.77 -1.91 -6.26
N GLY A 160 47.19 -1.31 -5.23
CA GLY A 160 46.49 -0.06 -5.43
C GLY A 160 45.05 -0.21 -5.85
N VAL A 161 44.53 -1.45 -5.89
CA VAL A 161 43.14 -1.65 -6.24
C VAL A 161 42.20 -1.15 -5.14
N ILE A 162 42.60 -1.35 -3.88
CA ILE A 162 41.79 -0.88 -2.78
C ILE A 162 42.65 0.21 -2.16
N LYS A 163 42.13 1.42 -2.17
CA LYS A 163 42.87 2.55 -1.61
C LYS A 163 42.71 2.57 -0.09
N GLU A 164 43.61 3.29 0.56
CA GLU A 164 43.57 3.52 2.01
C GLU A 164 43.18 2.27 2.81
N PHE A 165 44.00 1.24 2.64
CA PHE A 165 43.73 -0.02 3.31
C PHE A 165 44.56 -0.11 4.56
N THR A 166 43.89 -0.32 5.69
CA THR A 166 44.55 -0.33 6.99
C THR A 166 45.78 -1.22 7.05
N GLY A 167 46.91 -0.65 7.48
CA GLY A 167 48.15 -1.39 7.62
C GLY A 167 49.02 -1.34 6.38
N ILE A 168 48.49 -0.91 5.25
CA ILE A 168 49.27 -0.86 4.02
C ILE A 168 49.29 0.58 3.50
N SER A 169 48.13 1.23 3.47
CA SER A 169 48.05 2.59 2.94
C SER A 169 47.14 3.46 3.76
N ALA A 170 46.84 3.02 4.99
CA ALA A 170 46.09 3.82 5.96
C ALA A 170 46.59 3.27 7.28
N PRO A 171 46.58 4.10 8.33
CA PRO A 171 47.10 3.60 9.59
C PRO A 171 46.24 2.79 10.50
N TYR A 172 46.90 1.98 11.29
CA TYR A 172 46.23 1.28 12.40
C TYR A 172 46.92 1.85 13.64
N GLU A 173 46.18 2.58 14.47
CA GLU A 173 46.76 3.20 15.69
C GLU A 173 46.65 2.18 16.80
N ALA A 174 47.74 1.52 17.12
CA ALA A 174 47.71 0.48 18.10
C ALA A 174 47.30 0.96 19.47
N PRO A 175 46.43 0.23 20.14
CA PRO A 175 45.97 0.57 21.48
C PRO A 175 47.17 0.62 22.43
N ALA A 176 47.30 1.70 23.19
CA ALA A 176 48.40 1.84 24.13
C ALA A 176 48.07 1.17 25.46
N ASN A 177 46.80 1.25 25.85
CA ASN A 177 46.34 0.73 27.13
C ASN A 177 45.06 -0.07 27.08
N PRO A 178 45.04 -1.11 26.25
CA PRO A 178 43.81 -1.89 26.22
C PRO A 178 43.66 -2.74 27.47
N GLU A 179 42.43 -3.11 27.78
CA GLU A 179 42.22 -4.00 28.92
C GLU A 179 42.90 -5.33 28.70
N VAL A 180 42.89 -5.81 27.47
CA VAL A 180 43.50 -7.09 27.14
C VAL A 180 44.27 -6.93 25.85
N HIS A 181 45.51 -7.44 25.84
CA HIS A 181 46.33 -7.37 24.65
C HIS A 181 46.64 -8.82 24.29
N VAL A 182 46.04 -9.30 23.19
CA VAL A 182 46.25 -10.68 22.75
C VAL A 182 47.15 -10.71 21.51
N LYS A 183 48.28 -11.42 21.60
CA LYS A 183 49.19 -11.57 20.47
C LYS A 183 48.65 -12.83 19.80
N ASN A 184 47.75 -12.60 18.86
CA ASN A 184 46.97 -13.65 18.22
C ASN A 184 47.58 -14.38 17.08
N TYR A 185 48.79 -14.88 17.31
CA TYR A 185 49.51 -15.64 16.31
C TYR A 185 50.43 -16.59 17.10
N GLU A 186 50.65 -17.78 16.53
CA GLU A 186 51.44 -18.81 17.22
C GLU A 186 50.78 -19.04 18.57
N LEU A 187 49.45 -19.00 18.57
CA LEU A 187 48.66 -19.14 19.79
C LEU A 187 47.29 -19.65 19.37
N PRO A 188 46.86 -20.82 19.85
CA PRO A 188 45.53 -21.25 19.42
C PRO A 188 44.48 -20.24 19.92
N VAL A 189 43.37 -20.16 19.22
CA VAL A 189 42.27 -19.26 19.57
C VAL A 189 41.75 -19.47 20.98
N GLN A 190 41.68 -20.73 21.41
CA GLN A 190 41.16 -20.96 22.76
C GLN A 190 42.03 -20.32 23.81
N ASP A 191 43.32 -20.17 23.54
CA ASP A 191 44.22 -19.55 24.50
C ASP A 191 44.00 -18.03 24.54
N ALA A 192 43.74 -17.45 23.38
CA ALA A 192 43.48 -16.01 23.34
C ALA A 192 42.17 -15.74 24.08
N VAL A 193 41.20 -16.59 23.85
CA VAL A 193 39.92 -16.41 24.51
C VAL A 193 40.07 -16.57 26.02
N LYS A 194 40.90 -17.51 26.45
CA LYS A 194 41.13 -17.69 27.90
C LYS A 194 41.71 -16.41 28.46
N GLN A 195 42.59 -15.75 27.73
CA GLN A 195 43.16 -14.51 28.20
C GLN A 195 42.04 -13.49 28.42
N ILE A 196 41.11 -13.40 27.49
CA ILE A 196 40.00 -12.46 27.64
C ILE A 196 39.09 -12.86 28.82
N ILE A 197 38.68 -14.13 28.89
CA ILE A 197 37.81 -14.54 29.97
C ILE A 197 38.49 -14.37 31.33
N ASP A 198 39.78 -14.66 31.43
CA ASP A 198 40.47 -14.49 32.72
C ASP A 198 40.40 -13.03 33.11
N TYR A 199 40.54 -12.11 32.17
CA TYR A 199 40.45 -10.71 32.51
C TYR A 199 39.03 -10.39 33.01
N LEU A 200 38.00 -10.86 32.31
CA LEU A 200 36.64 -10.59 32.75
C LEU A 200 36.41 -11.08 34.18
N ASP A 201 36.99 -12.23 34.48
CA ASP A 201 36.82 -12.77 35.84
C ASP A 201 37.57 -11.92 36.87
N THR A 202 38.70 -11.28 36.51
CA THR A 202 39.38 -10.43 37.53
C THR A 202 38.45 -9.30 37.91
N LYS A 203 37.56 -8.88 36.99
CA LYS A 203 36.63 -7.80 37.26
C LYS A 203 35.32 -8.30 37.86
N GLY A 204 35.16 -9.62 37.90
CA GLY A 204 33.94 -10.19 38.44
C GLY A 204 32.71 -10.00 37.57
N TYR A 205 32.91 -9.79 36.27
CA TYR A 205 31.76 -9.55 35.39
C TYR A 205 30.93 -10.76 35.08
N LEU A 206 31.46 -11.95 35.31
CA LEU A 206 30.77 -13.18 34.90
C LEU A 206 30.33 -14.05 36.05
N PRO A 207 29.28 -14.85 35.84
CA PRO A 207 28.76 -15.77 36.85
C PRO A 207 29.92 -16.72 37.14
N ALA A 208 29.98 -17.26 38.35
CA ALA A 208 31.05 -18.18 38.71
C ALA A 208 31.18 -19.28 37.66
N LYS A 209 32.41 -19.71 37.41
CA LYS A 209 32.73 -20.74 36.43
C LYS A 209 31.78 -21.93 36.45
N GLN B 23 14.01 -18.90 23.13
CA GLN B 23 13.15 -17.74 22.80
C GLN B 23 13.42 -17.26 21.36
N ARG B 24 12.34 -17.09 20.61
CA ARG B 24 12.44 -16.62 19.23
C ARG B 24 12.24 -15.10 19.29
N GLY B 25 13.08 -14.34 18.59
CA GLY B 25 12.94 -12.89 18.67
C GLY B 25 11.95 -12.32 17.68
N LEU B 26 11.54 -11.09 17.97
CA LEU B 26 10.63 -10.42 17.05
C LEU B 26 10.64 -8.95 17.42
N THR B 27 10.05 -8.16 16.55
CA THR B 27 9.93 -6.73 16.78
C THR B 27 8.47 -6.31 16.91
N ILE B 28 8.18 -5.57 17.96
CA ILE B 28 6.83 -5.00 18.20
C ILE B 28 7.04 -3.52 17.94
N TRP B 29 6.47 -3.07 16.82
CA TRP B 29 6.67 -1.71 16.32
C TRP B 29 5.48 -0.82 16.60
N LEU B 30 5.61 0.06 17.58
CA LEU B 30 4.51 0.98 17.90
C LEU B 30 4.62 2.20 17.00
N THR B 31 3.47 2.65 16.48
CA THR B 31 3.46 3.85 15.65
C THR B 31 2.22 4.64 16.05
N GLY B 32 2.33 5.97 15.98
CA GLY B 32 1.19 6.80 16.36
C GLY B 32 1.68 8.20 16.66
N LEU B 33 0.76 9.12 16.83
CA LEU B 33 1.06 10.51 17.05
C LEU B 33 1.88 10.74 18.30
N SER B 34 2.55 11.88 18.34
CA SER B 34 3.22 12.27 19.57
C SER B 34 2.13 12.35 20.66
N ALA B 35 2.40 11.79 21.83
CA ALA B 35 1.48 11.79 22.99
C ALA B 35 0.32 10.84 22.80
N SER B 36 0.40 9.92 21.84
CA SER B 36 -0.64 8.90 21.71
C SER B 36 -0.51 7.85 22.81
N GLY B 37 0.66 7.80 23.47
CA GLY B 37 0.85 6.87 24.58
C GLY B 37 1.77 5.71 24.27
N LYS B 38 2.54 5.81 23.18
CA LYS B 38 3.41 4.71 22.79
C LYS B 38 4.41 4.31 23.88
N SER B 39 5.17 5.26 24.40
CA SER B 39 6.17 4.86 25.38
C SER B 39 5.57 4.27 26.64
N THR B 40 4.47 4.85 27.10
CA THR B 40 3.81 4.35 28.31
C THR B 40 3.37 2.89 28.07
N LEU B 41 2.84 2.64 26.89
CA LEU B 41 2.41 1.32 26.55
C LEU B 41 3.63 0.39 26.49
N ALA B 42 4.72 0.87 25.86
CA ALA B 42 5.90 0.02 25.72
C ALA B 42 6.43 -0.37 27.07
N VAL B 43 6.45 0.56 28.01
CA VAL B 43 6.97 0.23 29.33
C VAL B 43 6.15 -0.86 30.00
N GLU B 44 4.83 -0.76 29.95
CA GLU B 44 4.01 -1.78 30.57
C GLU B 44 4.07 -3.12 29.84
N LEU B 45 4.17 -3.05 28.52
CA LEU B 45 4.27 -4.25 27.71
C LEU B 45 5.58 -4.98 28.09
N GLU B 46 6.68 -4.24 28.14
CA GLU B 46 7.96 -4.88 28.48
C GLU B 46 7.83 -5.49 29.87
N HIS B 47 7.27 -4.73 30.80
CA HIS B 47 7.12 -5.23 32.16
C HIS B 47 6.37 -6.55 32.19
N GLN B 48 5.22 -6.62 31.54
CA GLN B 48 4.49 -7.88 31.54
C GLN B 48 5.19 -9.01 30.82
N LEU B 49 5.84 -8.70 29.70
CA LEU B 49 6.51 -9.74 28.96
C LEU B 49 7.66 -10.36 29.76
N VAL B 50 8.45 -9.52 30.38
CA VAL B 50 9.58 -10.03 31.13
C VAL B 50 9.10 -10.79 32.38
N ARG B 51 8.25 -10.16 33.17
CA ARG B 51 7.80 -10.80 34.39
C ARG B 51 6.81 -11.97 34.27
N ASP B 52 5.80 -11.86 33.41
CA ASP B 52 4.83 -12.93 33.26
C ASP B 52 5.14 -14.00 32.23
N ARG B 53 5.95 -13.68 31.23
CA ARG B 53 6.28 -14.67 30.23
C ARG B 53 7.73 -15.08 30.27
N ARG B 54 8.51 -14.37 31.06
CA ARG B 54 9.93 -14.66 31.20
C ARG B 54 10.74 -14.56 29.92
N VAL B 55 10.41 -13.61 29.06
CA VAL B 55 11.18 -13.47 27.83
C VAL B 55 12.10 -12.26 27.97
N HIS B 56 13.03 -12.13 27.02
CA HIS B 56 13.91 -10.99 27.06
C HIS B 56 13.29 -9.97 26.12
N ALA B 57 13.24 -8.73 26.56
CA ALA B 57 12.69 -7.66 25.74
C ALA B 57 13.49 -6.40 26.00
N TYR B 58 13.58 -5.55 24.99
CA TYR B 58 14.30 -4.31 25.16
C TYR B 58 13.55 -3.22 24.39
N ARG B 59 13.44 -2.05 25.01
CA ARG B 59 12.75 -0.92 24.37
C ARG B 59 13.68 0.05 23.68
N LEU B 60 13.33 0.41 22.44
CA LEU B 60 14.04 1.44 21.72
C LEU B 60 13.05 2.62 21.71
N ASP B 61 13.49 3.77 22.17
CA ASP B 61 12.58 4.91 22.17
C ASP B 61 13.36 6.18 21.98
N GLY B 62 12.72 7.32 22.04
CA GLY B 62 13.44 8.56 21.81
C GLY B 62 14.61 8.75 22.74
N ASP B 63 14.41 8.41 24.00
CA ASP B 63 15.43 8.59 24.99
C ASP B 63 16.72 7.85 24.74
N ASN B 64 16.66 6.60 24.29
CA ASN B 64 17.90 5.88 24.09
C ASN B 64 18.39 5.82 22.67
N ILE B 65 17.62 6.36 21.74
CA ILE B 65 18.04 6.41 20.36
C ILE B 65 18.34 7.83 19.88
N ARG B 66 17.43 8.77 20.11
CA ARG B 66 17.66 10.10 19.54
C ARG B 66 18.70 10.97 20.21
N PHE B 67 19.22 10.52 21.35
CA PHE B 67 20.32 11.25 22.00
C PHE B 67 21.64 10.51 21.80
N GLY B 68 21.58 9.39 21.11
CA GLY B 68 22.79 8.56 20.93
C GLY B 68 23.01 8.23 19.47
N LEU B 69 22.61 7.02 19.07
CA LEU B 69 22.76 6.62 17.68
C LEU B 69 22.28 7.68 16.70
N ASN B 70 21.11 8.23 16.98
CA ASN B 70 20.54 9.18 16.04
C ASN B 70 20.59 10.64 16.50
N LYS B 71 21.58 10.95 17.33
CA LYS B 71 21.69 12.34 17.78
C LYS B 71 22.02 13.30 16.63
N ASP B 72 22.48 12.78 15.50
CA ASP B 72 22.81 13.60 14.34
C ASP B 72 21.59 13.93 13.50
N LEU B 73 20.41 13.42 13.89
CA LEU B 73 19.20 13.62 13.11
C LEU B 73 18.19 14.52 13.78
N GLY B 74 17.51 15.28 12.93
CA GLY B 74 16.43 16.16 13.37
C GLY B 74 15.09 15.60 12.92
N PHE B 75 14.19 16.49 12.54
CA PHE B 75 12.86 16.14 12.13
C PHE B 75 12.45 16.43 10.70
N SER B 76 13.41 16.76 9.83
CA SER B 76 13.08 16.92 8.42
C SER B 76 12.60 15.55 7.93
N GLU B 77 11.90 15.52 6.82
CA GLU B 77 11.44 14.29 6.25
C GLU B 77 12.62 13.35 6.04
N ALA B 78 13.70 13.86 5.46
CA ALA B 78 14.88 13.03 5.22
C ALA B 78 15.45 12.47 6.52
N ASP B 79 15.50 13.28 7.57
CA ASP B 79 16.06 12.80 8.82
C ASP B 79 15.12 11.79 9.46
N ARG B 80 13.81 11.92 9.23
CA ARG B 80 12.90 10.93 9.82
C ARG B 80 13.02 9.65 9.07
N ASN B 81 13.24 9.74 7.75
CA ASN B 81 13.45 8.52 6.95
C ASN B 81 14.69 7.80 7.51
N GLU B 82 15.77 8.54 7.77
CA GLU B 82 17.00 7.94 8.28
C GLU B 82 16.84 7.46 9.73
N ASN B 83 16.11 8.21 10.55
CA ASN B 83 15.87 7.84 11.96
C ASN B 83 15.24 6.44 11.97
N ILE B 84 14.15 6.27 11.22
CA ILE B 84 13.46 5.02 11.16
C ILE B 84 14.27 3.94 10.47
N ARG B 85 15.03 4.29 9.44
CA ARG B 85 15.81 3.28 8.77
C ARG B 85 16.77 2.60 9.77
N ARG B 86 17.49 3.46 10.49
CA ARG B 86 18.46 2.98 11.47
C ARG B 86 17.77 2.23 12.58
N ILE B 87 16.67 2.75 13.11
CA ILE B 87 15.99 2.07 14.20
C ILE B 87 15.53 0.69 13.74
N ALA B 88 15.01 0.58 12.53
CA ALA B 88 14.55 -0.73 12.07
C ALA B 88 15.73 -1.70 11.98
N GLU B 89 16.90 -1.25 11.53
CA GLU B 89 18.05 -2.18 11.48
C GLU B 89 18.46 -2.57 12.89
N VAL B 90 18.40 -1.65 13.84
CA VAL B 90 18.77 -2.01 15.21
C VAL B 90 17.73 -2.96 15.79
N ALA B 91 16.44 -2.74 15.56
CA ALA B 91 15.43 -3.66 16.08
C ALA B 91 15.65 -5.04 15.52
N LYS B 92 16.03 -5.10 14.24
CA LYS B 92 16.27 -6.40 13.63
C LYS B 92 17.44 -7.11 14.34
N LEU B 93 18.47 -6.38 14.72
CA LEU B 93 19.59 -6.99 15.45
C LEU B 93 19.09 -7.54 16.76
N PHE B 94 18.27 -6.79 17.50
CA PHE B 94 17.74 -7.32 18.78
C PHE B 94 16.89 -8.54 18.53
N ALA B 95 16.06 -8.51 17.50
CA ALA B 95 15.24 -9.69 17.25
C ALA B 95 16.12 -10.87 16.87
N ASP B 96 17.14 -10.63 16.06
CA ASP B 96 18.06 -11.69 15.66
C ASP B 96 18.78 -12.26 16.88
N SER B 97 18.98 -11.45 17.91
CA SER B 97 19.67 -11.87 19.13
C SER B 97 18.74 -12.67 20.04
N ASN B 98 17.48 -12.86 19.62
CA ASN B 98 16.46 -13.59 20.34
C ASN B 98 15.79 -12.79 21.44
N SER B 99 15.76 -11.47 21.26
CA SER B 99 15.05 -10.62 22.21
C SER B 99 13.81 -10.09 21.47
N ILE B 100 12.87 -9.57 22.25
CA ILE B 100 11.71 -8.90 21.65
C ILE B 100 12.05 -7.42 21.66
N ALA B 101 12.20 -6.81 20.50
CA ALA B 101 12.49 -5.38 20.45
C ALA B 101 11.15 -4.67 20.42
N ILE B 102 10.98 -3.67 21.28
CA ILE B 102 9.74 -2.88 21.33
C ILE B 102 10.15 -1.48 20.95
N THR B 103 9.66 -0.99 19.83
CA THR B 103 10.03 0.35 19.39
C THR B 103 8.90 1.34 19.58
N SER B 104 9.22 2.55 19.97
CA SER B 104 8.19 3.56 20.20
C SER B 104 8.60 4.88 19.56
N PHE B 105 8.32 4.96 18.27
CA PHE B 105 8.60 6.15 17.45
C PHE B 105 7.38 6.49 16.67
N ILE B 106 7.18 7.78 16.44
CA ILE B 106 6.00 8.20 15.68
C ILE B 106 5.93 7.41 14.36
N SER B 107 7.08 7.30 13.66
CA SER B 107 7.23 6.62 12.36
C SER B 107 6.02 6.97 11.54
N PRO B 108 5.95 8.24 11.14
CA PRO B 108 4.82 8.77 10.37
C PRO B 108 4.68 8.41 8.95
N TYR B 109 5.74 7.92 8.34
CA TYR B 109 5.67 7.56 6.92
C TYR B 109 5.45 6.09 6.68
N ARG B 110 4.36 5.73 6.00
CA ARG B 110 4.08 4.33 5.76
C ARG B 110 5.18 3.62 4.98
N LYS B 111 5.81 4.30 4.03
CA LYS B 111 6.85 3.65 3.23
C LYS B 111 7.99 3.19 4.15
N ASP B 112 8.33 4.00 5.15
CA ASP B 112 9.45 3.63 6.02
C ASP B 112 9.07 2.51 6.95
N ARG B 113 7.80 2.49 7.38
CA ARG B 113 7.37 1.38 8.23
C ARG B 113 7.36 0.12 7.39
N ASP B 114 6.97 0.24 6.11
CA ASP B 114 6.94 -0.96 5.29
C ASP B 114 8.36 -1.46 4.99
N THR B 115 9.29 -0.55 4.83
CA THR B 115 10.69 -0.92 4.61
C THR B 115 11.18 -1.62 5.87
N ALA B 116 10.81 -1.12 7.03
CA ALA B 116 11.18 -1.75 8.31
C ALA B 116 10.60 -3.16 8.39
N ARG B 117 9.33 -3.31 8.02
CA ARG B 117 8.68 -4.61 8.04
C ARG B 117 9.42 -5.58 7.10
N GLN B 118 9.69 -5.13 5.87
CA GLN B 118 10.35 -6.00 4.92
C GLN B 118 11.71 -6.44 5.38
N LEU B 119 12.45 -5.53 5.99
CA LEU B 119 13.78 -5.84 6.53
C LEU B 119 13.70 -7.00 7.49
N HIS B 120 12.62 -7.07 8.26
CA HIS B 120 12.44 -8.16 9.20
C HIS B 120 11.91 -9.44 8.55
N GLU B 121 10.86 -9.29 7.76
CA GLU B 121 10.17 -10.43 7.14
C GLU B 121 10.94 -11.16 6.07
N VAL B 122 11.78 -10.45 5.32
CA VAL B 122 12.57 -11.09 4.27
C VAL B 122 13.82 -11.74 4.84
N GLY B 130 12.86 -15.42 8.27
CA GLY B 130 12.48 -14.06 8.65
C GLY B 130 12.16 -13.90 10.13
N LEU B 131 12.01 -12.64 10.57
CA LEU B 131 11.71 -12.31 11.96
C LEU B 131 10.33 -11.65 11.98
N PRO B 132 9.45 -12.01 12.93
CA PRO B 132 8.10 -11.39 12.98
C PRO B 132 8.19 -9.88 13.25
N PHE B 133 7.28 -9.13 12.63
CA PHE B 133 7.22 -7.67 12.77
C PHE B 133 5.76 -7.40 13.09
N VAL B 134 5.51 -7.02 14.34
CA VAL B 134 4.16 -6.81 14.81
C VAL B 134 3.93 -5.34 14.93
N GLU B 135 3.22 -4.76 13.94
CA GLU B 135 2.96 -3.32 13.95
C GLU B 135 1.74 -3.04 14.80
N VAL B 136 1.92 -2.17 15.77
CA VAL B 136 0.86 -1.79 16.69
C VAL B 136 0.55 -0.33 16.46
N TYR B 137 -0.67 -0.07 15.98
CA TYR B 137 -1.12 1.30 15.78
C TYR B 137 -1.68 1.80 17.08
N VAL B 138 -0.95 2.69 17.74
CA VAL B 138 -1.40 3.31 18.98
C VAL B 138 -2.14 4.55 18.49
N ASP B 139 -3.45 4.38 18.38
CA ASP B 139 -4.32 5.34 17.73
C ASP B 139 -5.10 6.24 18.63
N VAL B 140 -4.82 7.53 18.58
CA VAL B 140 -5.71 8.48 19.25
C VAL B 140 -5.93 9.58 18.21
N PRO B 141 -7.08 10.24 18.27
CA PRO B 141 -7.30 11.32 17.30
C PRO B 141 -6.43 12.49 17.76
N VAL B 142 -6.10 13.37 16.84
CA VAL B 142 -5.27 14.53 17.19
C VAL B 142 -5.81 15.24 18.41
N GLU B 143 -7.14 15.37 18.51
CA GLU B 143 -7.74 16.07 19.63
C GLU B 143 -7.31 15.55 20.98
N VAL B 144 -7.31 14.23 21.09
CA VAL B 144 -6.92 13.62 22.36
C VAL B 144 -5.43 13.88 22.64
N ALA B 145 -4.56 13.70 21.63
CA ALA B 145 -3.13 13.94 21.88
C ALA B 145 -2.92 15.40 22.23
N GLU B 146 -3.63 16.30 21.55
CA GLU B 146 -3.49 17.73 21.82
C GLU B 146 -3.94 18.15 23.20
N GLN B 147 -4.94 17.45 23.76
CA GLN B 147 -5.36 17.79 25.10
C GLN B 147 -4.42 17.19 26.12
N ARG B 148 -3.67 16.15 25.76
CA ARG B 148 -2.67 15.58 26.69
C ARG B 148 -1.49 16.54 26.65
N ASP B 149 -0.92 16.74 25.46
CA ASP B 149 0.23 17.66 25.16
C ASP B 149 1.13 17.81 26.39
N PRO B 150 1.73 16.69 26.84
CA PRO B 150 2.57 16.74 28.03
C PRO B 150 3.76 17.65 28.06
N LYS B 151 4.34 17.91 26.89
CA LYS B 151 5.49 18.79 26.82
C LYS B 151 5.16 20.11 26.14
N GLY B 152 3.87 20.34 25.90
CA GLY B 152 3.47 21.61 25.29
C GLY B 152 3.84 21.78 23.82
N LEU B 153 4.26 20.71 23.15
CA LEU B 153 4.68 20.78 21.77
C LEU B 153 3.56 21.04 20.79
N TYR B 154 2.35 20.52 21.07
CA TYR B 154 1.25 20.78 20.13
C TYR B 154 0.93 22.27 20.14
N LYS B 155 0.95 22.88 21.33
CA LYS B 155 0.69 24.32 21.43
C LYS B 155 1.79 25.07 20.64
N LYS B 156 3.06 24.68 20.81
CA LYS B 156 4.10 25.35 20.03
C LYS B 156 3.90 25.18 18.56
N ALA B 157 3.48 23.99 18.13
CA ALA B 157 3.24 23.75 16.72
C ALA B 157 2.09 24.65 16.23
N ARG B 158 1.03 24.78 17.02
CA ARG B 158 -0.07 25.64 16.57
C ARG B 158 0.39 27.07 16.45
N GLU B 159 1.32 27.47 17.31
CA GLU B 159 1.82 28.85 17.30
C GLU B 159 2.90 29.06 16.25
N GLY B 160 3.35 28.00 15.60
CA GLY B 160 4.37 28.13 14.60
C GLY B 160 5.79 28.20 15.14
N VAL B 161 5.93 27.91 16.43
CA VAL B 161 7.24 27.91 17.10
C VAL B 161 8.00 26.63 16.73
N ILE B 162 7.27 25.53 16.55
CA ILE B 162 7.87 24.30 16.06
C ILE B 162 7.26 24.06 14.71
N LYS B 163 8.10 23.98 13.70
CA LYS B 163 7.68 23.72 12.34
C LYS B 163 7.55 22.23 12.08
N GLU B 164 6.76 21.87 11.09
CA GLU B 164 6.58 20.49 10.67
C GLU B 164 6.38 19.51 11.82
N PHE B 165 5.35 19.75 12.59
CA PHE B 165 5.05 18.94 13.74
C PHE B 165 3.96 17.95 13.36
N THR B 166 4.25 16.65 13.51
CA THR B 166 3.31 15.61 13.12
C THR B 166 1.89 15.81 13.65
N GLY B 167 0.92 15.77 12.73
CA GLY B 167 -0.50 15.93 13.09
C GLY B 167 -1.00 17.35 13.03
N ILE B 168 -0.09 18.33 13.01
CA ILE B 168 -0.47 19.74 12.96
C ILE B 168 0.06 20.38 11.69
N SER B 169 1.34 20.16 11.40
CA SER B 169 1.97 20.75 10.22
C SER B 169 2.90 19.80 9.51
N ALA B 170 2.71 18.50 9.74
CA ALA B 170 3.47 17.47 9.07
C ALA B 170 2.53 16.27 9.10
N PRO B 171 2.69 15.35 8.15
CA PRO B 171 1.78 14.20 8.09
C PRO B 171 1.96 13.05 9.01
N TYR B 172 0.85 12.37 9.28
CA TYR B 172 0.91 11.09 9.99
C TYR B 172 0.15 10.15 9.04
N GLU B 173 0.84 9.19 8.46
CA GLU B 173 0.22 8.25 7.51
C GLU B 173 -0.18 7.03 8.32
N ALA B 174 -1.47 6.93 8.65
CA ALA B 174 -1.87 5.82 9.50
C ALA B 174 -1.67 4.47 8.86
N PRO B 175 -1.32 3.45 9.67
CA PRO B 175 -1.11 2.13 9.07
C PRO B 175 -2.38 1.57 8.49
N ALA B 176 -2.22 0.96 7.33
CA ALA B 176 -3.32 0.37 6.61
C ALA B 176 -3.67 -0.98 7.16
N ASN B 177 -2.65 -1.72 7.57
CA ASN B 177 -2.86 -3.06 8.03
C ASN B 177 -2.08 -3.44 9.26
N PRO B 178 -2.26 -2.70 10.34
CA PRO B 178 -1.50 -3.08 11.54
C PRO B 178 -1.96 -4.41 12.11
N GLU B 179 -1.02 -5.14 12.73
CA GLU B 179 -1.41 -6.39 13.39
C GLU B 179 -2.32 -6.09 14.61
N VAL B 180 -2.10 -4.97 15.30
CA VAL B 180 -2.88 -4.62 16.45
C VAL B 180 -3.22 -3.16 16.34
N HIS B 181 -4.50 -2.86 16.61
CA HIS B 181 -4.98 -1.48 16.55
C HIS B 181 -5.53 -1.14 17.92
N VAL B 182 -4.80 -0.31 18.65
CA VAL B 182 -5.21 0.08 20.00
C VAL B 182 -5.82 1.48 19.95
N LYS B 183 -7.08 1.56 20.33
CA LYS B 183 -7.82 2.84 20.36
C LYS B 183 -7.45 3.33 21.73
N ASN B 184 -6.30 4.01 21.76
CA ASN B 184 -5.66 4.30 23.05
C ASN B 184 -6.07 5.53 23.82
N TYR B 185 -7.37 5.70 23.98
CA TYR B 185 -7.92 6.85 24.68
C TYR B 185 -9.03 6.34 25.62
N GLU B 186 -9.14 6.98 26.79
CA GLU B 186 -10.12 6.52 27.81
C GLU B 186 -10.03 5.01 27.93
N LEU B 187 -8.79 4.55 28.06
CA LEU B 187 -8.48 3.13 28.10
C LEU B 187 -7.32 2.87 29.03
N PRO B 188 -7.50 1.99 30.02
CA PRO B 188 -6.43 1.67 30.97
C PRO B 188 -5.26 1.07 30.19
N VAL B 189 -4.06 1.47 30.59
CA VAL B 189 -2.88 0.93 29.92
C VAL B 189 -2.88 -0.58 29.98
N GLN B 190 -3.36 -1.19 31.06
CA GLN B 190 -3.34 -2.63 31.11
C GLN B 190 -4.24 -3.28 30.08
N ASP B 191 -5.32 -2.61 29.68
CA ASP B 191 -6.22 -3.15 28.67
C ASP B 191 -5.53 -3.08 27.32
N ALA B 192 -4.79 -1.99 27.10
CA ALA B 192 -4.07 -1.85 25.84
C ALA B 192 -2.99 -2.93 25.76
N VAL B 193 -2.27 -3.13 26.85
CA VAL B 193 -1.21 -4.16 26.82
C VAL B 193 -1.80 -5.55 26.63
N LYS B 194 -2.92 -5.80 27.30
CA LYS B 194 -3.56 -7.11 27.15
C LYS B 194 -3.94 -7.34 25.70
N GLN B 195 -4.39 -6.29 25.03
CA GLN B 195 -4.75 -6.45 23.66
C GLN B 195 -3.52 -6.90 22.83
N ILE B 196 -2.35 -6.33 23.10
CA ILE B 196 -1.16 -6.71 22.38
C ILE B 196 -0.69 -8.14 22.72
N ILE B 197 -0.62 -8.43 24.02
CA ILE B 197 -0.18 -9.76 24.44
C ILE B 197 -1.12 -10.83 23.90
N ASP B 198 -2.43 -10.57 23.94
CA ASP B 198 -3.36 -11.54 23.38
C ASP B 198 -3.08 -11.81 21.90
N TYR B 199 -2.78 -10.75 21.15
CA TYR B 199 -2.46 -10.95 19.76
C TYR B 199 -1.21 -11.84 19.61
N LEU B 200 -0.16 -11.51 20.37
CA LEU B 200 1.07 -12.30 20.28
C LEU B 200 0.81 -13.78 20.54
N ASP B 201 -0.10 -14.05 21.48
CA ASP B 201 -0.44 -15.44 21.78
C ASP B 201 -1.17 -16.14 20.64
N THR B 202 -2.03 -15.45 19.90
CA THR B 202 -2.71 -16.10 18.77
C THR B 202 -1.69 -16.57 17.75
N LYS B 203 -0.51 -15.97 17.77
CA LYS B 203 0.53 -16.37 16.83
C LYS B 203 1.55 -17.31 17.44
N GLY B 204 1.42 -17.57 18.72
CA GLY B 204 2.35 -18.45 19.41
C GLY B 204 3.74 -17.89 19.59
N TYR B 205 3.85 -16.58 19.63
CA TYR B 205 5.16 -15.96 19.77
C TYR B 205 5.73 -15.98 21.17
N LEU B 206 4.91 -16.30 22.16
CA LEU B 206 5.35 -16.28 23.54
C LEU B 206 5.26 -17.62 24.24
N PRO B 207 6.08 -17.82 25.27
CA PRO B 207 6.08 -19.05 26.07
C PRO B 207 4.75 -19.00 26.82
N ALA B 208 4.29 -20.13 27.32
CA ALA B 208 3.06 -20.15 28.10
C ALA B 208 3.18 -19.21 29.30
N LYS B 209 2.06 -18.69 29.78
CA LYS B 209 2.13 -17.79 30.93
C LYS B 209 2.61 -18.56 32.17
N LYS B 210 3.45 -17.92 32.97
CA LYS B 210 4.00 -18.52 34.19
C LYS B 210 2.88 -18.67 35.22
N GLU B 211 2.94 -19.74 36.02
CA GLU B 211 1.96 -19.99 37.08
C GLU B 211 2.51 -19.46 38.41
N SER C 2 -18.64 16.80 -2.69
CA SER C 2 -17.83 17.33 -1.53
C SER C 2 -16.37 16.96 -1.72
N THR C 3 -15.49 17.67 -1.03
CA THR C 3 -14.06 17.43 -1.22
C THR C 3 -13.67 15.98 -1.01
N ASN C 4 -12.92 15.44 -1.96
CA ASN C 4 -12.57 14.03 -1.83
C ASN C 4 -11.22 13.86 -1.15
N ILE C 5 -11.01 12.66 -0.61
CA ILE C 5 -9.75 12.30 -0.01
C ILE C 5 -9.46 10.85 -0.38
N THR C 6 -8.22 10.41 -0.28
CA THR C 6 -7.87 9.04 -0.63
C THR C 6 -7.98 8.15 0.61
N PHE C 7 -7.97 6.84 0.38
CA PHE C 7 -7.95 5.95 1.53
C PHE C 7 -6.68 6.16 2.35
N HIS C 8 -5.55 6.43 1.71
CA HIS C 8 -4.30 6.65 2.44
C HIS C 8 -4.43 7.75 3.49
N ALA C 9 -5.21 8.78 3.19
CA ALA C 9 -5.38 9.90 4.11
C ALA C 9 -6.55 9.71 5.05
N SER C 10 -7.31 8.65 4.83
CA SER C 10 -8.47 8.40 5.66
C SER C 10 -7.99 7.73 6.95
N ALA C 11 -8.90 7.55 7.86
CA ALA C 11 -8.54 6.91 9.11
C ALA C 11 -9.42 5.68 9.23
N LEU C 12 -9.50 4.91 8.16
CA LEU C 12 -10.33 3.72 8.15
C LEU C 12 -9.51 2.45 8.31
N THR C 13 -10.11 1.46 8.97
CA THR C 13 -9.45 0.18 9.14
C THR C 13 -9.55 -0.60 7.84
N ARG C 14 -8.84 -1.71 7.77
CA ARG C 14 -8.89 -2.54 6.57
C ARG C 14 -10.33 -3.01 6.32
N SER C 15 -10.99 -3.45 7.36
CA SER C 15 -12.37 -3.93 7.22
C SER C 15 -13.28 -2.81 6.73
N GLU C 16 -13.08 -1.62 7.25
CA GLU C 16 -13.92 -0.50 6.83
C GLU C 16 -13.67 -0.12 5.39
N ARG C 17 -12.41 -0.14 4.96
CA ARG C 17 -12.10 0.23 3.57
C ARG C 17 -12.67 -0.79 2.60
N THR C 18 -12.53 -2.08 2.91
CA THR C 18 -13.06 -3.08 2.00
C THR C 18 -14.58 -3.02 1.94
N GLU C 19 -15.22 -2.82 3.07
CA GLU C 19 -16.67 -2.77 3.06
C GLU C 19 -17.15 -1.61 2.21
N LEU C 20 -16.47 -0.47 2.33
CA LEU C 20 -16.84 0.71 1.61
C LEU C 20 -16.71 0.55 0.11
N ARG C 21 -15.52 0.14 -0.35
CA ARG C 21 -15.33 0.03 -1.79
C ARG C 21 -15.85 -1.19 -2.50
N ASN C 22 -16.37 -2.16 -1.75
CA ASN C 22 -16.94 -3.36 -2.35
C ASN C 22 -18.44 -3.23 -2.47
N GLN C 23 -18.95 -2.04 -2.22
CA GLN C 23 -20.41 -1.85 -2.30
C GLN C 23 -20.94 -1.96 -3.73
N ARG C 24 -20.09 -1.61 -4.68
CA ARG C 24 -20.44 -1.70 -6.10
C ARG C 24 -19.31 -2.45 -6.76
N GLY C 25 -19.15 -2.27 -8.08
CA GLY C 25 -18.10 -2.99 -8.78
C GLY C 25 -16.85 -2.19 -8.97
N LEU C 26 -16.10 -2.52 -10.02
CA LEU C 26 -14.86 -1.83 -10.30
C LEU C 26 -14.51 -2.07 -11.76
N THR C 27 -13.52 -1.34 -12.22
CA THR C 27 -13.05 -1.49 -13.58
C THR C 27 -11.61 -1.93 -13.59
N ILE C 28 -11.34 -2.93 -14.44
CA ILE C 28 -9.98 -3.42 -14.65
C ILE C 28 -9.65 -2.94 -16.07
N TRP C 29 -8.75 -1.97 -16.15
CA TRP C 29 -8.42 -1.30 -17.40
C TRP C 29 -7.13 -1.81 -17.96
N LEU C 30 -7.21 -2.59 -19.02
CA LEU C 30 -5.97 -3.12 -19.60
C LEU C 30 -5.49 -2.14 -20.65
N THR C 31 -4.18 -1.87 -20.68
CA THR C 31 -3.61 -0.95 -21.64
C THR C 31 -2.30 -1.56 -22.17
N GLY C 32 -2.02 -1.34 -23.44
CA GLY C 32 -0.81 -1.91 -24.03
C GLY C 32 -0.94 -1.90 -25.54
N LEU C 33 0.16 -2.21 -26.21
CA LEU C 33 0.21 -2.24 -27.65
C LEU C 33 -0.83 -3.15 -28.28
N SER C 34 -1.11 -2.87 -29.55
CA SER C 34 -1.95 -3.79 -30.31
C SER C 34 -1.26 -5.15 -30.27
N ALA C 35 -2.03 -6.18 -30.02
CA ALA C 35 -1.52 -7.55 -29.94
C ALA C 35 -0.62 -7.85 -28.77
N SER C 36 -0.65 -7.00 -27.74
CA SER C 36 0.11 -7.31 -26.53
C SER C 36 -0.61 -8.43 -25.75
N GLY C 37 -1.88 -8.63 -26.04
CA GLY C 37 -2.66 -9.72 -25.44
C GLY C 37 -3.75 -9.26 -24.49
N LYS C 38 -4.19 -8.01 -24.58
CA LYS C 38 -5.21 -7.50 -23.68
C LYS C 38 -6.49 -8.31 -23.72
N SER C 39 -7.08 -8.45 -24.91
CA SER C 39 -8.34 -9.15 -24.93
C SER C 39 -8.22 -10.63 -24.49
N THR C 40 -7.09 -11.26 -24.82
CA THR C 40 -6.86 -12.65 -24.42
C THR C 40 -6.82 -12.71 -22.89
N LEU C 41 -6.13 -11.76 -22.28
CA LEU C 41 -6.10 -11.71 -20.80
C LEU C 41 -7.49 -11.45 -20.25
N ALA C 42 -8.23 -10.54 -20.90
CA ALA C 42 -9.57 -10.23 -20.44
C ALA C 42 -10.46 -11.45 -20.41
N VAL C 43 -10.40 -12.25 -21.47
CA VAL C 43 -11.22 -13.45 -21.53
C VAL C 43 -10.88 -14.44 -20.43
N GLU C 44 -9.59 -14.62 -20.21
CA GLU C 44 -9.15 -15.55 -19.16
C GLU C 44 -9.47 -14.99 -17.77
N LEU C 45 -9.35 -13.68 -17.61
CA LEU C 45 -9.65 -13.04 -16.34
C LEU C 45 -11.13 -13.18 -16.04
N GLU C 46 -12.01 -12.88 -16.98
CA GLU C 46 -13.43 -13.06 -16.77
C GLU C 46 -13.72 -14.52 -16.42
N HIS C 47 -13.13 -15.43 -17.17
CA HIS C 47 -13.36 -16.83 -16.91
C HIS C 47 -13.02 -17.21 -15.47
N GLN C 48 -11.81 -16.85 -15.03
CA GLN C 48 -11.42 -17.19 -13.66
C GLN C 48 -12.26 -16.49 -12.62
N LEU C 49 -12.57 -15.21 -12.84
CA LEU C 49 -13.39 -14.48 -11.88
C LEU C 49 -14.76 -15.11 -11.71
N VAL C 50 -15.40 -15.41 -12.82
CA VAL C 50 -16.73 -15.98 -12.79
C VAL C 50 -16.70 -17.41 -12.27
N ARG C 51 -15.78 -18.22 -12.79
CA ARG C 51 -15.64 -19.62 -12.40
C ARG C 51 -15.15 -19.89 -10.98
N ASP C 52 -14.10 -19.18 -10.56
CA ASP C 52 -13.52 -19.41 -9.24
C ASP C 52 -13.99 -18.49 -8.12
N ARG C 53 -14.52 -17.33 -8.47
CA ARG C 53 -14.97 -16.43 -7.42
C ARG C 53 -16.44 -16.11 -7.48
N ARG C 54 -17.12 -16.63 -8.49
CA ARG C 54 -18.54 -16.37 -8.63
C ARG C 54 -18.85 -14.89 -8.76
N VAL C 55 -17.95 -14.16 -9.39
CA VAL C 55 -18.16 -12.74 -9.57
C VAL C 55 -18.68 -12.45 -10.98
N HIS C 56 -19.46 -11.39 -11.08
CA HIS C 56 -20.05 -10.93 -12.33
C HIS C 56 -19.06 -9.99 -13.05
N ALA C 57 -18.80 -10.23 -14.33
CA ALA C 57 -17.88 -9.38 -15.12
C ALA C 57 -18.38 -9.22 -16.55
N TYR C 58 -17.98 -8.14 -17.20
CA TYR C 58 -18.37 -7.89 -18.58
C TYR C 58 -17.18 -7.23 -19.29
N ARG C 59 -16.88 -7.75 -20.48
CA ARG C 59 -15.75 -7.23 -21.25
C ARG C 59 -16.16 -6.21 -22.30
N LEU C 60 -15.39 -5.13 -22.34
CA LEU C 60 -15.55 -4.09 -23.37
C LEU C 60 -14.26 -4.19 -24.21
N ASP C 61 -14.43 -4.31 -25.52
CA ASP C 61 -13.26 -4.41 -26.38
C ASP C 61 -13.59 -3.80 -27.74
N GLY C 62 -12.65 -3.86 -28.68
CA GLY C 62 -12.93 -3.28 -29.98
C GLY C 62 -14.14 -3.85 -30.67
N ASP C 63 -14.33 -5.16 -30.54
CA ASP C 63 -15.47 -5.77 -31.19
C ASP C 63 -16.83 -5.29 -30.73
N ASN C 64 -17.02 -5.02 -29.44
CA ASN C 64 -18.34 -4.60 -29.01
C ASN C 64 -18.47 -3.12 -28.79
N ILE C 65 -17.38 -2.38 -28.98
CA ILE C 65 -17.44 -0.91 -28.89
C ILE C 65 -17.18 -0.18 -30.19
N ARG C 66 -16.12 -0.57 -30.92
CA ARG C 66 -15.76 0.23 -32.09
C ARG C 66 -16.59 0.13 -33.34
N PHE C 67 -17.54 -0.79 -33.33
CA PHE C 67 -18.43 -0.92 -34.47
C PHE C 67 -19.85 -0.54 -34.08
N GLY C 68 -20.01 -0.07 -32.85
CA GLY C 68 -21.33 0.32 -32.36
C GLY C 68 -21.28 1.71 -31.77
N LEU C 69 -21.16 1.78 -30.47
CA LEU C 69 -21.08 3.07 -29.79
C LEU C 69 -20.08 4.00 -30.44
N ASN C 70 -18.90 3.47 -30.76
CA ASN C 70 -17.82 4.28 -31.30
C ASN C 70 -17.50 4.07 -32.77
N LYS C 71 -18.53 3.66 -33.50
CA LYS C 71 -18.36 3.45 -34.93
C LYS C 71 -18.08 4.75 -35.67
N ASP C 72 -18.37 5.88 -35.04
CA ASP C 72 -18.11 7.19 -35.61
C ASP C 72 -16.68 7.69 -35.42
N LEU C 73 -15.85 6.90 -34.74
CA LEU C 73 -14.51 7.32 -34.41
C LEU C 73 -13.46 6.50 -35.13
N GLY C 74 -12.40 7.20 -35.53
CA GLY C 74 -11.25 6.55 -36.16
C GLY C 74 -10.06 6.49 -35.20
N PHE C 75 -8.87 6.77 -35.74
CA PHE C 75 -7.64 6.68 -34.99
C PHE C 75 -6.80 7.94 -34.87
N SER C 76 -7.39 9.05 -35.28
CA SER C 76 -6.67 10.30 -35.08
C SER C 76 -6.53 10.51 -33.55
N GLU C 77 -5.58 11.33 -33.13
CA GLU C 77 -5.41 11.57 -31.71
C GLU C 77 -6.75 11.99 -31.06
N ALA C 78 -7.45 12.93 -31.69
CA ALA C 78 -8.70 13.39 -31.08
C ALA C 78 -9.73 12.26 -30.98
N ASP C 79 -9.81 11.43 -32.00
CA ASP C 79 -10.78 10.32 -31.95
C ASP C 79 -10.39 9.29 -30.89
N ARG C 80 -9.10 9.06 -30.67
CA ARG C 80 -8.69 8.14 -29.62
C ARG C 80 -9.03 8.74 -28.27
N ASN C 81 -8.87 10.06 -28.13
CA ASN C 81 -9.24 10.68 -26.85
C ASN C 81 -10.72 10.46 -26.59
N GLU C 82 -11.51 10.63 -27.65
CA GLU C 82 -12.94 10.44 -27.48
C GLU C 82 -13.35 8.98 -27.29
N ASN C 83 -12.64 8.09 -27.99
CA ASN C 83 -12.89 6.67 -27.88
C ASN C 83 -12.75 6.26 -26.41
N ILE C 84 -11.62 6.65 -25.83
CA ILE C 84 -11.32 6.29 -24.47
C ILE C 84 -12.25 7.01 -23.47
N ARG C 85 -12.61 8.27 -23.74
CA ARG C 85 -13.52 8.95 -22.84
C ARG C 85 -14.86 8.21 -22.74
N ARG C 86 -15.39 7.84 -23.90
CA ARG C 86 -16.67 7.18 -23.91
C ARG C 86 -16.57 5.81 -23.29
N ILE C 87 -15.50 5.06 -23.60
CA ILE C 87 -15.37 3.73 -23.02
C ILE C 87 -15.25 3.83 -21.52
N ALA C 88 -14.49 4.81 -21.03
CA ALA C 88 -14.35 4.97 -19.58
C ALA C 88 -15.73 5.22 -18.92
N GLU C 89 -16.54 6.07 -19.55
CA GLU C 89 -17.87 6.31 -19.01
C GLU C 89 -18.71 5.04 -19.01
N VAL C 90 -18.59 4.24 -20.07
CA VAL C 90 -19.39 3.03 -20.09
C VAL C 90 -18.90 2.04 -19.03
N ALA C 91 -17.57 1.90 -18.89
CA ALA C 91 -17.02 1.00 -17.88
C ALA C 91 -17.52 1.46 -16.51
N LYS C 92 -17.55 2.77 -16.26
CA LYS C 92 -18.06 3.29 -15.00
C LYS C 92 -19.50 2.87 -14.76
N LEU C 93 -20.35 2.89 -15.81
CA LEU C 93 -21.73 2.45 -15.62
C LEU C 93 -21.76 0.97 -15.20
N PHE C 94 -20.95 0.14 -15.85
CA PHE C 94 -20.92 -1.26 -15.45
C PHE C 94 -20.42 -1.42 -14.02
N ALA C 95 -19.38 -0.67 -13.65
CA ALA C 95 -18.86 -0.76 -12.28
C ALA C 95 -19.97 -0.28 -11.32
N ASP C 96 -20.66 0.79 -11.66
CA ASP C 96 -21.74 1.31 -10.82
C ASP C 96 -22.84 0.30 -10.66
N SER C 97 -23.08 -0.49 -11.69
CA SER C 97 -24.13 -1.50 -11.67
C SER C 97 -23.76 -2.73 -10.85
N ASN C 98 -22.56 -2.72 -10.28
CA ASN C 98 -22.04 -3.81 -9.45
C ASN C 98 -21.54 -5.00 -10.26
N SER C 99 -20.85 -4.70 -11.35
CA SER C 99 -20.19 -5.72 -12.13
C SER C 99 -18.74 -5.27 -12.22
N ILE C 100 -17.87 -6.19 -12.59
CA ILE C 100 -16.48 -5.85 -12.85
C ILE C 100 -16.41 -5.61 -14.36
N ALA C 101 -16.01 -4.42 -14.74
CA ALA C 101 -15.87 -4.06 -16.14
C ALA C 101 -14.43 -4.32 -16.50
N ILE C 102 -14.19 -5.05 -17.58
CA ILE C 102 -12.83 -5.32 -18.01
C ILE C 102 -12.68 -4.69 -19.39
N THR C 103 -11.73 -3.78 -19.55
CA THR C 103 -11.60 -3.12 -20.83
C THR C 103 -10.29 -3.47 -21.52
N SER C 104 -10.32 -3.62 -22.84
CA SER C 104 -9.11 -4.00 -23.57
C SER C 104 -8.87 -3.07 -24.74
N PHE C 105 -8.40 -1.86 -24.48
CA PHE C 105 -8.11 -0.87 -25.53
C PHE C 105 -6.68 -0.41 -25.38
N ILE C 106 -6.03 -0.10 -26.50
CA ILE C 106 -4.66 0.32 -26.45
C ILE C 106 -4.48 1.43 -25.45
N SER C 107 -5.40 2.40 -25.50
CA SER C 107 -5.37 3.59 -24.61
C SER C 107 -3.93 4.07 -24.48
N PRO C 108 -3.37 4.53 -25.59
CA PRO C 108 -1.98 4.96 -25.62
C PRO C 108 -1.58 6.20 -24.93
N TYR C 109 -2.53 7.09 -24.67
CA TYR C 109 -2.20 8.35 -24.04
C TYR C 109 -2.42 8.35 -22.57
N ARG C 110 -1.38 8.75 -21.84
CA ARG C 110 -1.48 8.80 -20.40
C ARG C 110 -2.58 9.79 -19.97
N LYS C 111 -2.75 10.90 -20.70
CA LYS C 111 -3.79 11.84 -20.24
C LYS C 111 -5.18 11.22 -20.31
N ASP C 112 -5.45 10.41 -21.33
CA ASP C 112 -6.76 9.79 -21.41
C ASP C 112 -6.97 8.70 -20.37
N ARG C 113 -5.93 7.93 -20.06
CA ARG C 113 -6.07 6.95 -19.01
C ARG C 113 -6.27 7.68 -17.67
N ASP C 114 -5.66 8.85 -17.51
CA ASP C 114 -5.82 9.64 -16.27
C ASP C 114 -7.26 10.12 -16.20
N THR C 115 -7.80 10.58 -17.32
CA THR C 115 -9.19 11.02 -17.36
C THR C 115 -10.11 9.85 -17.01
N ALA C 116 -9.82 8.68 -17.58
CA ALA C 116 -10.66 7.51 -17.32
C ALA C 116 -10.61 7.16 -15.84
N ARG C 117 -9.41 7.21 -15.27
CA ARG C 117 -9.22 6.92 -13.86
C ARG C 117 -9.98 7.91 -12.99
N GLN C 118 -9.81 9.20 -13.27
CA GLN C 118 -10.49 10.20 -12.44
C GLN C 118 -11.99 10.09 -12.44
N LEU C 119 -12.60 9.82 -13.59
CA LEU C 119 -14.07 9.76 -13.59
C LEU C 119 -14.57 8.55 -12.83
N HIS C 120 -13.74 7.52 -12.70
CA HIS C 120 -14.13 6.39 -11.86
C HIS C 120 -13.91 6.71 -10.37
N GLU C 121 -12.72 7.25 -10.07
CA GLU C 121 -12.31 7.38 -8.67
C GLU C 121 -13.02 8.44 -7.87
N VAL C 122 -13.59 9.42 -8.55
CA VAL C 122 -14.24 10.50 -7.84
C VAL C 122 -15.49 10.07 -7.11
N ALA C 123 -15.66 10.58 -5.89
CA ALA C 123 -16.86 10.31 -5.13
C ALA C 123 -17.74 11.51 -5.47
N THR C 124 -18.71 11.29 -6.35
CA THR C 124 -19.61 12.35 -6.81
C THR C 124 -20.67 12.65 -5.75
N PRO C 125 -21.14 13.91 -5.71
CA PRO C 125 -22.15 14.30 -4.71
C PRO C 125 -23.28 13.29 -4.57
N GLY C 126 -23.55 12.89 -3.33
CA GLY C 126 -24.63 11.95 -3.11
C GLY C 126 -24.16 10.55 -2.80
N GLU C 127 -22.86 10.29 -2.97
CA GLU C 127 -22.31 8.98 -2.67
C GLU C 127 -21.05 9.17 -1.84
N GLU C 128 -20.69 8.13 -1.10
CA GLU C 128 -19.54 8.21 -0.20
C GLU C 128 -18.21 7.84 -0.83
N THR C 129 -18.26 7.05 -1.90
CA THR C 129 -17.04 6.55 -2.50
C THR C 129 -17.15 6.55 -4.00
N GLY C 130 -16.00 6.57 -4.64
CA GLY C 130 -15.90 6.42 -6.09
C GLY C 130 -15.79 4.92 -6.35
N LEU C 131 -15.39 4.60 -7.58
CA LEU C 131 -15.30 3.20 -8.04
C LEU C 131 -13.83 2.92 -8.31
N PRO C 132 -13.35 1.75 -7.83
CA PRO C 132 -11.95 1.40 -8.04
C PRO C 132 -11.62 1.24 -9.54
N PHE C 133 -10.43 1.65 -9.89
CA PHE C 133 -9.92 1.61 -11.27
C PHE C 133 -8.55 0.94 -11.18
N VAL C 134 -8.48 -0.27 -11.71
CA VAL C 134 -7.25 -1.06 -11.63
C VAL C 134 -6.62 -1.08 -13.02
N GLU C 135 -5.57 -0.29 -13.16
CA GLU C 135 -4.89 -0.19 -14.45
C GLU C 135 -3.84 -1.30 -14.56
N VAL C 136 -3.94 -2.06 -15.64
CA VAL C 136 -3.02 -3.19 -15.87
C VAL C 136 -2.24 -2.88 -17.15
N TYR C 137 -0.94 -2.73 -17.03
CA TYR C 137 -0.10 -2.53 -18.19
C TYR C 137 0.26 -3.90 -18.73
N VAL C 138 -0.29 -4.23 -19.90
CA VAL C 138 -0.02 -5.51 -20.59
C VAL C 138 1.16 -5.11 -21.48
N ASP C 139 2.37 -5.45 -21.01
CA ASP C 139 3.59 -5.02 -21.61
C ASP C 139 4.30 -6.08 -22.42
N VAL C 140 4.46 -5.81 -23.70
CA VAL C 140 5.31 -6.66 -24.53
C VAL C 140 6.13 -5.70 -25.40
N PRO C 141 7.30 -6.15 -25.83
CA PRO C 141 8.14 -5.34 -26.72
C PRO C 141 7.42 -5.36 -28.10
N VAL C 142 7.60 -4.32 -28.88
CA VAL C 142 6.92 -4.28 -30.17
C VAL C 142 7.30 -5.48 -31.04
N GLU C 143 8.53 -5.99 -30.90
CA GLU C 143 8.93 -7.18 -31.68
C GLU C 143 8.04 -8.38 -31.38
N VAL C 144 7.61 -8.53 -30.13
CA VAL C 144 6.75 -9.62 -29.78
C VAL C 144 5.36 -9.38 -30.39
N ALA C 145 4.85 -8.14 -30.27
CA ALA C 145 3.52 -7.89 -30.84
C ALA C 145 3.51 -8.16 -32.36
N GLU C 146 4.64 -7.86 -33.00
CA GLU C 146 4.78 -8.08 -34.44
C GLU C 146 4.73 -9.53 -34.87
N GLN C 147 4.98 -10.44 -33.93
CA GLN C 147 4.94 -11.87 -34.22
C GLN C 147 3.53 -12.41 -33.87
N ARG C 148 2.63 -11.50 -33.48
CA ARG C 148 1.25 -11.86 -33.14
C ARG C 148 0.40 -11.02 -34.11
N ASP C 149 0.69 -11.10 -35.40
CA ASP C 149 0.05 -10.20 -36.36
C ASP C 149 -0.64 -10.93 -37.53
N PRO C 150 -1.64 -11.76 -37.22
CA PRO C 150 -2.31 -12.50 -38.30
C PRO C 150 -2.92 -11.63 -39.35
N LYS C 151 -3.40 -10.44 -38.98
CA LYS C 151 -3.97 -9.57 -39.99
C LYS C 151 -2.94 -8.66 -40.66
N GLY C 152 -1.67 -8.74 -40.25
CA GLY C 152 -0.62 -7.97 -40.86
C GLY C 152 -0.75 -6.47 -40.63
N LEU C 153 -1.26 -6.06 -39.48
CA LEU C 153 -1.39 -4.62 -39.21
C LEU C 153 -0.04 -3.99 -38.99
N TYR C 154 0.86 -4.65 -38.26
CA TYR C 154 2.18 -4.09 -38.09
C TYR C 154 2.93 -4.00 -39.42
N LYS C 155 2.72 -5.01 -40.26
CA LYS C 155 3.34 -5.05 -41.58
C LYS C 155 2.89 -3.80 -42.32
N LYS C 156 1.59 -3.60 -42.37
CA LYS C 156 1.03 -2.43 -43.05
C LYS C 156 1.53 -1.15 -42.42
N ALA C 157 1.65 -1.13 -41.10
CA ALA C 157 2.13 0.08 -40.45
C ALA C 157 3.56 0.39 -40.86
N ARG C 158 4.39 -0.64 -40.94
CA ARG C 158 5.77 -0.40 -41.30
C ARG C 158 5.89 0.02 -42.77
N GLU C 159 4.97 -0.44 -43.61
CA GLU C 159 4.95 -0.11 -45.03
C GLU C 159 4.27 1.26 -45.24
N GLY C 160 3.72 1.85 -44.18
CA GLY C 160 3.05 3.14 -44.32
C GLY C 160 1.62 3.05 -44.84
N VAL C 161 1.09 1.84 -44.99
CA VAL C 161 -0.28 1.63 -45.48
C VAL C 161 -1.30 2.08 -44.44
N ILE C 162 -0.95 1.93 -43.17
CA ILE C 162 -1.80 2.41 -42.08
C ILE C 162 -1.02 3.52 -41.41
N LYS C 163 -1.61 4.70 -41.35
CA LYS C 163 -0.94 5.84 -40.74
C LYS C 163 -1.05 5.81 -39.22
N GLU C 164 -0.13 6.46 -38.55
CA GLU C 164 -0.12 6.64 -37.11
C GLU C 164 -0.54 5.40 -36.34
N PHE C 165 0.25 4.36 -36.53
CA PHE C 165 -0.04 3.09 -35.89
C PHE C 165 0.79 2.99 -34.61
N THR C 166 0.11 2.79 -33.50
CA THR C 166 0.75 2.77 -32.19
C THR C 166 1.97 1.86 -32.12
N GLY C 167 3.08 2.40 -31.64
CA GLY C 167 4.32 1.67 -31.49
C GLY C 167 5.23 1.70 -32.70
N ILE C 168 4.69 2.13 -33.84
CA ILE C 168 5.44 2.19 -35.09
C ILE C 168 5.55 3.62 -35.61
N SER C 169 4.41 4.32 -35.67
CA SER C 169 4.38 5.68 -36.17
C SER C 169 3.46 6.58 -35.33
N ALA C 170 3.15 6.13 -34.12
CA ALA C 170 2.39 6.92 -33.13
C ALA C 170 2.88 6.36 -31.82
N PRO C 171 2.84 7.17 -30.77
CA PRO C 171 3.34 6.72 -29.48
C PRO C 171 2.47 5.86 -28.62
N TYR C 172 3.10 5.04 -27.81
CA TYR C 172 2.41 4.33 -26.75
C TYR C 172 3.11 4.86 -25.50
N GLU C 173 2.37 5.60 -24.68
CA GLU C 173 2.95 6.18 -23.45
C GLU C 173 2.80 5.16 -22.36
N ALA C 174 3.90 4.49 -22.01
CA ALA C 174 3.82 3.41 -21.06
C ALA C 174 3.44 3.87 -19.68
N PRO C 175 2.54 3.15 -19.03
CA PRO C 175 2.10 3.48 -17.68
C PRO C 175 3.33 3.49 -16.76
N ALA C 176 3.51 4.51 -15.93
CA ALA C 176 4.69 4.49 -15.05
C ALA C 176 4.38 3.84 -13.71
N ASN C 177 3.14 3.97 -13.27
CA ASN C 177 2.71 3.39 -12.00
C ASN C 177 1.36 2.69 -12.06
N PRO C 178 1.26 1.67 -12.93
CA PRO C 178 -0.01 0.97 -13.00
C PRO C 178 -0.18 0.10 -11.75
N GLU C 179 -1.41 -0.27 -11.44
CA GLU C 179 -1.65 -1.16 -10.32
C GLU C 179 -0.99 -2.51 -10.58
N VAL C 180 -1.00 -2.95 -11.83
CA VAL C 180 -0.41 -4.24 -12.15
C VAL C 180 0.36 -4.07 -13.45
N HIS C 181 1.57 -4.60 -13.50
CA HIS C 181 2.41 -4.55 -14.69
C HIS C 181 2.64 -6.00 -15.06
N VAL C 182 2.07 -6.43 -16.19
CA VAL C 182 2.21 -7.81 -16.66
C VAL C 182 3.14 -7.84 -17.86
N LYS C 183 4.26 -8.60 -17.78
CA LYS C 183 5.14 -8.71 -18.95
C LYS C 183 4.59 -9.95 -19.64
N ASN C 184 3.67 -9.70 -20.56
CA ASN C 184 2.90 -10.74 -21.22
C ASN C 184 3.49 -11.47 -22.40
N TYR C 185 4.71 -11.97 -22.21
CA TYR C 185 5.38 -12.74 -23.24
C TYR C 185 6.24 -13.74 -22.46
N GLU C 186 6.42 -14.92 -23.04
CA GLU C 186 7.18 -16.00 -22.39
C GLU C 186 6.55 -16.31 -21.04
N LEU C 187 5.25 -16.08 -20.97
CA LEU C 187 4.46 -16.28 -19.76
C LEU C 187 3.05 -16.67 -20.18
N PRO C 188 2.55 -17.86 -19.77
CA PRO C 188 1.19 -18.23 -20.17
C PRO C 188 0.20 -17.19 -19.64
N VAL C 189 -0.92 -17.06 -20.31
CA VAL C 189 -1.99 -16.15 -19.94
C VAL C 189 -2.56 -16.40 -18.53
N GLN C 190 -2.66 -17.67 -18.16
CA GLN C 190 -3.25 -18.01 -16.86
C GLN C 190 -2.43 -17.42 -15.74
N ASP C 191 -1.13 -17.25 -15.98
CA ASP C 191 -0.22 -16.69 -14.98
C ASP C 191 -0.27 -15.16 -14.90
N ALA C 192 -0.54 -14.53 -16.04
CA ALA C 192 -0.68 -13.08 -16.13
C ALA C 192 -1.95 -12.77 -15.34
N VAL C 193 -2.94 -13.61 -15.55
CA VAL C 193 -4.22 -13.43 -14.88
C VAL C 193 -4.07 -13.64 -13.39
N LYS C 194 -3.22 -14.59 -12.98
CA LYS C 194 -3.02 -14.81 -11.55
C LYS C 194 -2.43 -13.55 -10.95
N GLN C 195 -1.54 -12.89 -11.68
CA GLN C 195 -0.93 -11.68 -11.20
C GLN C 195 -2.02 -10.63 -10.94
N ILE C 196 -2.96 -10.52 -11.87
CA ILE C 196 -4.04 -9.54 -11.68
C ILE C 196 -4.94 -9.94 -10.52
N ILE C 197 -5.36 -11.19 -10.47
CA ILE C 197 -6.24 -11.63 -9.40
C ILE C 197 -5.53 -11.51 -8.04
N ASP C 198 -4.24 -11.84 -7.96
CA ASP C 198 -3.53 -11.69 -6.70
C ASP C 198 -3.60 -10.22 -6.27
N TYR C 199 -3.43 -9.29 -7.20
CA TYR C 199 -3.49 -7.89 -6.84
C TYR C 199 -4.90 -7.56 -6.32
N LEU C 200 -5.93 -8.04 -7.00
CA LEU C 200 -7.30 -7.77 -6.57
C LEU C 200 -7.52 -8.27 -5.15
N ASP C 201 -6.98 -9.44 -4.86
CA ASP C 201 -7.08 -9.99 -3.51
C ASP C 201 -6.31 -9.15 -2.49
N THR C 202 -5.19 -8.54 -2.84
CA THR C 202 -4.49 -7.73 -1.86
C THR C 202 -5.37 -6.58 -1.40
N LYS C 203 -6.23 -6.09 -2.29
CA LYS C 203 -7.15 -5.01 -1.97
C LYS C 203 -8.49 -5.51 -1.41
N GLY C 204 -8.69 -6.82 -1.35
CA GLY C 204 -9.93 -7.37 -0.87
C GLY C 204 -11.14 -7.17 -1.74
N TYR C 205 -10.93 -6.94 -3.03
CA TYR C 205 -12.09 -6.70 -3.90
C TYR C 205 -12.96 -7.90 -4.20
N LEU C 206 -12.43 -9.12 -4.00
CA LEU C 206 -13.16 -10.32 -4.36
C LEU C 206 -13.59 -11.20 -3.22
N PRO C 207 -14.66 -11.97 -3.43
CA PRO C 207 -15.11 -12.87 -2.38
C PRO C 207 -13.99 -13.90 -2.20
N ALA C 208 -13.92 -14.54 -1.05
CA ALA C 208 -12.88 -15.53 -0.80
C ALA C 208 -12.88 -16.60 -1.90
N LYS C 209 -11.68 -17.13 -2.18
CA LYS C 209 -11.51 -18.16 -3.20
C LYS C 209 -12.39 -19.37 -2.88
N LYS C 210 -12.21 -19.92 -1.68
CA LYS C 210 -12.95 -21.08 -1.21
C LYS C 210 -13.90 -21.68 -2.25
N GLN D 23 -29.80 -15.26 -16.23
CA GLN D 23 -31.02 -14.62 -16.81
C GLN D 23 -30.72 -14.10 -18.22
N ARG D 24 -31.77 -13.95 -19.01
CA ARG D 24 -31.63 -13.44 -20.37
C ARG D 24 -31.70 -11.92 -20.24
N GLY D 25 -30.84 -11.19 -20.96
CA GLY D 25 -30.90 -9.74 -20.85
C GLY D 25 -31.88 -9.16 -21.83
N LEU D 26 -32.31 -7.93 -21.56
CA LEU D 26 -33.23 -7.24 -22.44
C LEU D 26 -33.20 -5.77 -22.07
N THR D 27 -33.83 -4.95 -22.90
CA THR D 27 -33.93 -3.52 -22.64
C THR D 27 -35.37 -3.10 -22.54
N ILE D 28 -35.68 -2.34 -21.50
CA ILE D 28 -37.02 -1.79 -21.30
C ILE D 28 -36.81 -0.31 -21.53
N TRP D 29 -37.37 0.16 -22.63
CA TRP D 29 -37.15 1.50 -23.12
C TRP D 29 -38.34 2.40 -22.83
N LEU D 30 -38.22 3.29 -21.86
CA LEU D 30 -39.34 4.17 -21.57
C LEU D 30 -39.21 5.40 -22.46
N THR D 31 -40.35 5.85 -22.96
CA THR D 31 -40.36 7.05 -23.79
C THR D 31 -41.61 7.86 -23.40
N GLY D 32 -41.51 9.16 -23.46
CA GLY D 32 -42.63 10.03 -23.09
C GLY D 32 -42.14 11.41 -22.73
N LEU D 33 -43.07 12.32 -22.54
CA LEU D 33 -42.75 13.71 -22.26
C LEU D 33 -41.95 13.93 -20.99
N SER D 34 -41.28 15.07 -20.92
CA SER D 34 -40.62 15.42 -19.67
C SER D 34 -41.71 15.48 -18.58
N ALA D 35 -41.39 14.94 -17.41
CA ALA D 35 -42.30 14.93 -16.26
C ALA D 35 -43.50 14.00 -16.45
N SER D 36 -43.42 13.07 -17.39
CA SER D 36 -44.49 12.08 -17.55
C SER D 36 -44.33 11.02 -16.49
N GLY D 37 -43.19 11.02 -15.79
CA GLY D 37 -42.99 10.05 -14.70
C GLY D 37 -42.09 8.90 -15.06
N LYS D 38 -41.33 9.01 -16.15
CA LYS D 38 -40.47 7.89 -16.56
C LYS D 38 -39.46 7.45 -15.50
N SER D 39 -38.72 8.41 -14.95
CA SER D 39 -37.69 8.02 -13.99
C SER D 39 -38.28 7.42 -12.73
N THR D 40 -39.39 7.97 -12.26
CA THR D 40 -40.05 7.42 -11.09
C THR D 40 -40.49 5.99 -11.39
N LEU D 41 -41.02 5.72 -12.58
CA LEU D 41 -41.41 4.38 -12.88
C LEU D 41 -40.18 3.50 -12.95
N ALA D 42 -39.10 4.02 -13.54
CA ALA D 42 -37.90 3.21 -13.70
C ALA D 42 -37.33 2.80 -12.34
N VAL D 43 -37.36 3.71 -11.39
CA VAL D 43 -36.82 3.39 -10.07
C VAL D 43 -37.65 2.27 -9.43
N GLU D 44 -38.96 2.39 -9.50
CA GLU D 44 -39.80 1.36 -8.90
C GLU D 44 -39.67 0.04 -9.63
N LEU D 45 -39.58 0.09 -10.97
CA LEU D 45 -39.43 -1.10 -11.76
C LEU D 45 -38.12 -1.81 -11.41
N GLU D 46 -37.04 -1.05 -11.29
CA GLU D 46 -35.76 -1.64 -10.95
C GLU D 46 -35.87 -2.33 -9.61
N HIS D 47 -36.43 -1.63 -8.63
CA HIS D 47 -36.60 -2.19 -7.29
C HIS D 47 -37.36 -3.48 -7.32
N GLN D 48 -38.46 -3.56 -8.07
CA GLN D 48 -39.23 -4.80 -8.11
C GLN D 48 -38.48 -5.91 -8.81
N LEU D 49 -37.79 -5.56 -9.89
CA LEU D 49 -37.02 -6.57 -10.62
C LEU D 49 -35.88 -7.16 -9.79
N VAL D 50 -35.12 -6.29 -9.13
CA VAL D 50 -33.98 -6.70 -8.33
C VAL D 50 -34.38 -7.35 -7.00
N ARG D 51 -35.20 -6.65 -6.22
CA ARG D 51 -35.62 -7.17 -4.92
C ARG D 51 -36.63 -8.30 -5.02
N ASP D 52 -37.72 -8.11 -5.75
CA ASP D 52 -38.76 -9.12 -5.91
C ASP D 52 -38.55 -10.27 -6.88
N ARG D 53 -37.87 -10.02 -8.00
CA ARG D 53 -37.64 -11.09 -8.95
C ARG D 53 -36.21 -11.56 -8.91
N ARG D 54 -35.39 -10.90 -8.09
CA ARG D 54 -34.01 -11.30 -7.97
C ARG D 54 -33.21 -11.32 -9.27
N VAL D 55 -33.51 -10.42 -10.19
CA VAL D 55 -32.73 -10.38 -11.42
C VAL D 55 -31.84 -9.15 -11.41
N HIS D 56 -30.93 -9.07 -12.36
CA HIS D 56 -30.06 -7.91 -12.42
C HIS D 56 -30.73 -6.90 -13.35
N ALA D 57 -30.72 -5.63 -12.94
CA ALA D 57 -31.28 -4.55 -13.77
C ALA D 57 -30.48 -3.32 -13.46
N TYR D 58 -30.36 -2.44 -14.44
CA TYR D 58 -29.64 -1.23 -14.22
C TYR D 58 -30.34 -0.12 -15.01
N ARG D 59 -30.44 1.05 -14.40
CA ARG D 59 -31.11 2.19 -15.02
C ARG D 59 -30.18 3.17 -15.68
N LEU D 60 -30.51 3.53 -16.92
CA LEU D 60 -29.79 4.56 -17.65
C LEU D 60 -30.79 5.72 -17.65
N ASP D 61 -30.36 6.86 -17.15
CA ASP D 61 -31.25 8.01 -17.14
C ASP D 61 -30.43 9.28 -17.33
N GLY D 62 -31.08 10.44 -17.26
CA GLY D 62 -30.34 11.67 -17.48
C GLY D 62 -29.19 11.84 -16.51
N ASP D 63 -29.42 11.46 -15.28
CA ASP D 63 -28.43 11.64 -14.27
C ASP D 63 -27.13 10.88 -14.49
N ASN D 64 -27.18 9.66 -15.01
CA ASN D 64 -25.92 8.93 -15.19
C ASN D 64 -25.44 8.87 -16.62
N ILE D 65 -26.22 9.43 -17.54
CA ILE D 65 -25.78 9.51 -18.93
C ILE D 65 -25.49 10.95 -19.39
N ARG D 66 -26.37 11.91 -19.10
CA ARG D 66 -26.16 13.23 -19.64
C ARG D 66 -25.10 14.11 -18.99
N PHE D 67 -24.58 13.67 -17.86
CA PHE D 67 -23.49 14.40 -17.23
C PHE D 67 -22.17 13.64 -17.41
N GLY D 68 -22.22 12.49 -18.10
CA GLY D 68 -21.02 11.66 -18.30
C GLY D 68 -20.79 11.37 -19.77
N LEU D 69 -21.19 10.16 -20.18
CA LEU D 69 -21.03 9.77 -21.56
C LEU D 69 -21.51 10.83 -22.53
N ASN D 70 -22.70 11.38 -22.26
CA ASN D 70 -23.28 12.35 -23.20
C ASN D 70 -23.24 13.80 -22.73
N LYS D 71 -22.23 14.10 -21.90
CA LYS D 71 -22.11 15.48 -21.42
C LYS D 71 -21.77 16.46 -22.57
N ASP D 72 -21.28 15.96 -23.70
CA ASP D 72 -20.98 16.78 -24.85
C ASP D 72 -22.18 17.12 -25.71
N LEU D 73 -23.36 16.60 -25.33
CA LEU D 73 -24.56 16.79 -26.13
C LEU D 73 -25.57 17.69 -25.46
N GLY D 74 -26.27 18.45 -26.30
CA GLY D 74 -27.34 19.31 -25.79
C GLY D 74 -28.68 18.77 -26.26
N PHE D 75 -29.57 19.68 -26.68
CA PHE D 75 -30.92 19.34 -27.11
C PHE D 75 -31.31 19.66 -28.53
N SER D 76 -30.34 20.00 -29.38
CA SER D 76 -30.68 20.15 -30.79
C SER D 76 -31.16 18.81 -31.30
N GLU D 77 -31.85 18.81 -32.42
CA GLU D 77 -32.29 17.56 -33.00
C GLU D 77 -31.10 16.65 -33.22
N ALA D 78 -30.01 17.12 -33.82
CA ALA D 78 -28.85 16.26 -34.05
C ALA D 78 -28.29 15.72 -32.74
N ASP D 79 -28.24 16.53 -31.69
CA ASP D 79 -27.71 16.03 -30.45
C ASP D 79 -28.66 15.02 -29.82
N ARG D 80 -29.96 15.14 -30.02
CA ARG D 80 -30.88 14.17 -29.47
C ARG D 80 -30.73 12.88 -30.24
N ASN D 81 -30.51 12.96 -31.55
CA ASN D 81 -30.29 11.77 -32.35
C ASN D 81 -29.04 11.06 -31.78
N GLU D 82 -27.97 11.80 -31.51
CA GLU D 82 -26.77 11.17 -30.98
C GLU D 82 -26.92 10.68 -29.55
N ASN D 83 -27.70 11.41 -28.72
CA ASN D 83 -27.92 11.03 -27.33
C ASN D 83 -28.55 9.65 -27.35
N ILE D 84 -29.65 9.51 -28.09
CA ILE D 84 -30.34 8.24 -28.16
C ILE D 84 -29.51 7.16 -28.86
N ARG D 85 -28.77 7.51 -29.91
CA ARG D 85 -27.97 6.50 -30.57
C ARG D 85 -27.04 5.84 -29.55
N ARG D 86 -26.33 6.69 -28.80
CA ARG D 86 -25.35 6.18 -27.84
C ARG D 86 -26.02 5.40 -26.73
N ILE D 87 -27.15 5.93 -26.20
CA ILE D 87 -27.85 5.25 -25.12
C ILE D 87 -28.31 3.89 -25.59
N ALA D 88 -28.81 3.78 -26.82
CA ALA D 88 -29.25 2.48 -27.29
C ALA D 88 -28.08 1.51 -27.38
N GLU D 89 -26.90 1.95 -27.82
CA GLU D 89 -25.74 1.07 -27.88
C GLU D 89 -25.36 0.64 -26.45
N VAL D 90 -25.44 1.54 -25.48
CA VAL D 90 -25.09 1.17 -24.11
C VAL D 90 -26.12 0.21 -23.54
N ALA D 91 -27.41 0.45 -23.78
CA ALA D 91 -28.43 -0.47 -23.27
C ALA D 91 -28.18 -1.84 -23.87
N LYS D 92 -27.81 -1.90 -25.14
CA LYS D 92 -27.54 -3.20 -25.76
C LYS D 92 -26.38 -3.91 -25.04
N LEU D 93 -25.32 -3.17 -24.64
CA LEU D 93 -24.22 -3.79 -23.92
C LEU D 93 -24.75 -4.37 -22.59
N PHE D 94 -25.58 -3.61 -21.89
CA PHE D 94 -26.11 -4.16 -20.65
C PHE D 94 -26.99 -5.38 -20.89
N ALA D 95 -27.82 -5.35 -21.93
CA ALA D 95 -28.65 -6.51 -22.21
C ALA D 95 -27.78 -7.69 -22.59
N ASP D 96 -26.73 -7.45 -23.38
CA ASP D 96 -25.79 -8.51 -23.78
C ASP D 96 -25.11 -9.12 -22.55
N SER D 97 -24.88 -8.32 -21.51
CA SER D 97 -24.23 -8.77 -20.28
C SER D 97 -25.13 -9.58 -19.38
N ASN D 98 -26.39 -9.75 -19.80
CA ASN D 98 -27.44 -10.49 -19.11
C ASN D 98 -28.13 -9.68 -18.03
N SER D 99 -28.19 -8.37 -18.19
CA SER D 99 -28.90 -7.52 -17.25
C SER D 99 -30.10 -6.97 -18.01
N ILE D 100 -31.06 -6.48 -17.25
CA ILE D 100 -32.19 -5.78 -17.87
C ILE D 100 -31.82 -4.29 -17.81
N ALA D 101 -31.66 -3.65 -18.96
CA ALA D 101 -31.35 -2.22 -19.02
C ALA D 101 -32.69 -1.50 -19.02
N ILE D 102 -32.86 -0.50 -18.17
CA ILE D 102 -34.07 0.30 -18.12
C ILE D 102 -33.66 1.69 -18.49
N THR D 103 -34.19 2.22 -19.58
CA THR D 103 -33.83 3.54 -20.01
C THR D 103 -34.97 4.51 -19.82
N SER D 104 -34.63 5.72 -19.41
CA SER D 104 -35.63 6.77 -19.13
C SER D 104 -35.22 8.06 -19.80
N PHE D 105 -35.49 8.14 -21.09
CA PHE D 105 -35.19 9.33 -21.89
C PHE D 105 -36.45 9.68 -22.68
N ILE D 106 -36.65 10.97 -22.89
CA ILE D 106 -37.81 11.40 -23.64
C ILE D 106 -37.85 10.63 -24.96
N SER D 107 -36.69 10.55 -25.64
CA SER D 107 -36.55 9.87 -26.94
C SER D 107 -37.74 10.22 -27.79
N PRO D 108 -37.82 11.48 -28.19
CA PRO D 108 -38.95 12.00 -28.97
C PRO D 108 -39.06 11.64 -30.41
N TYR D 109 -38.02 11.11 -31.01
CA TYR D 109 -38.04 10.81 -32.43
C TYR D 109 -38.27 9.35 -32.65
N ARG D 110 -39.33 9.02 -33.36
CA ARG D 110 -39.66 7.64 -33.60
C ARG D 110 -38.57 6.91 -34.39
N LYS D 111 -37.93 7.57 -35.36
CA LYS D 111 -36.91 6.90 -36.15
C LYS D 111 -35.76 6.44 -35.25
N ASP D 112 -35.44 7.24 -34.23
CA ASP D 112 -34.31 6.88 -33.38
C ASP D 112 -34.67 5.77 -32.42
N ARG D 113 -35.92 5.72 -31.98
CA ARG D 113 -36.35 4.61 -31.13
C ARG D 113 -36.40 3.34 -31.97
N ASP D 114 -36.80 3.46 -33.24
CA ASP D 114 -36.88 2.28 -34.08
C ASP D 114 -35.46 1.79 -34.38
N THR D 115 -34.52 2.70 -34.56
CA THR D 115 -33.12 2.29 -34.77
C THR D 115 -32.63 1.57 -33.52
N ALA D 116 -33.00 2.07 -32.34
CA ALA D 116 -32.60 1.44 -31.09
C ALA D 116 -33.18 0.03 -31.03
N ARG D 117 -34.46 -0.11 -31.40
CA ARG D 117 -35.09 -1.41 -31.41
C ARG D 117 -34.37 -2.36 -32.37
N GLN D 118 -34.09 -1.91 -33.59
CA GLN D 118 -33.44 -2.76 -34.57
C GLN D 118 -32.06 -3.21 -34.09
N LEU D 119 -31.33 -2.33 -33.45
CA LEU D 119 -30.01 -2.64 -32.92
C LEU D 119 -30.12 -3.79 -31.92
N HIS D 120 -31.22 -3.86 -31.17
CA HIS D 120 -31.42 -4.95 -30.22
C HIS D 120 -31.97 -6.23 -30.84
N GLU D 121 -33.01 -6.09 -31.66
CA GLU D 121 -33.68 -7.25 -32.22
C GLU D 121 -32.91 -7.95 -33.31
N VAL D 122 -32.07 -7.22 -34.03
CA VAL D 122 -31.29 -7.80 -35.13
C VAL D 122 -30.17 -8.69 -34.65
N ALA D 123 -30.24 -9.95 -35.11
CA ALA D 123 -29.31 -11.03 -34.80
C ALA D 123 -27.82 -10.73 -34.74
N THR D 124 -27.28 -10.12 -35.79
CA THR D 124 -25.86 -9.81 -35.85
C THR D 124 -24.98 -10.89 -35.21
N THR D 129 -29.10 -14.86 -32.27
CA THR D 129 -30.38 -14.27 -31.90
C THR D 129 -30.20 -12.87 -31.33
N GLY D 130 -31.30 -12.12 -31.32
CA GLY D 130 -31.29 -10.76 -30.80
C GLY D 130 -31.67 -10.68 -29.33
N LEU D 131 -31.86 -9.44 -28.87
CA LEU D 131 -32.20 -9.16 -27.48
C LEU D 131 -33.56 -8.47 -27.50
N PRO D 132 -34.45 -8.82 -26.57
CA PRO D 132 -35.77 -8.17 -26.53
C PRO D 132 -35.67 -6.69 -26.24
N PHE D 133 -36.56 -5.92 -26.86
CA PHE D 133 -36.61 -4.47 -26.71
C PHE D 133 -38.08 -4.19 -26.38
N VAL D 134 -38.36 -3.79 -25.16
CA VAL D 134 -39.71 -3.57 -24.70
C VAL D 134 -39.93 -2.07 -24.62
N GLU D 135 -40.64 -1.52 -25.59
CA GLU D 135 -40.88 -0.08 -25.63
C GLU D 135 -42.11 0.23 -24.81
N VAL D 136 -41.93 1.10 -23.80
CA VAL D 136 -42.99 1.49 -22.89
C VAL D 136 -43.31 2.94 -23.08
N TYR D 137 -44.51 3.21 -23.59
CA TYR D 137 -44.94 4.58 -23.79
C TYR D 137 -45.54 5.07 -22.48
N VAL D 138 -44.83 5.97 -21.83
CA VAL D 138 -45.29 6.61 -20.59
C VAL D 138 -45.99 7.83 -21.09
N ASP D 139 -47.31 7.68 -21.16
CA ASP D 139 -48.17 8.66 -21.84
C ASP D 139 -48.97 9.51 -20.88
N VAL D 140 -48.69 10.80 -20.88
CA VAL D 140 -49.48 11.74 -20.06
C VAL D 140 -49.72 12.96 -20.91
N PRO D 141 -50.89 13.58 -20.76
CA PRO D 141 -51.17 14.80 -21.54
C PRO D 141 -50.17 15.86 -21.06
N VAL D 142 -49.71 16.68 -21.98
CA VAL D 142 -48.77 17.70 -21.58
C VAL D 142 -49.33 18.59 -20.45
N GLU D 143 -50.65 18.86 -20.43
CA GLU D 143 -51.11 19.71 -19.34
C GLU D 143 -50.98 19.09 -17.98
N VAL D 144 -51.04 17.75 -17.93
CA VAL D 144 -50.84 17.07 -16.65
C VAL D 144 -49.35 17.18 -16.27
N ALA D 145 -48.43 16.93 -17.23
CA ALA D 145 -46.99 17.09 -16.98
C ALA D 145 -46.68 18.54 -16.58
N GLU D 146 -47.38 19.51 -17.17
CA GLU D 146 -47.21 20.93 -16.85
C GLU D 146 -47.62 21.28 -15.42
N GLN D 147 -48.55 20.54 -14.83
CA GLN D 147 -48.95 20.79 -13.45
C GLN D 147 -48.06 20.08 -12.46
N ARG D 148 -47.20 19.20 -12.97
CA ARG D 148 -46.21 18.55 -12.15
C ARG D 148 -45.05 19.56 -12.28
N ASP D 149 -44.57 19.81 -13.51
CA ASP D 149 -43.46 20.75 -13.82
C ASP D 149 -42.50 20.88 -12.64
N PRO D 150 -41.95 19.77 -12.19
CA PRO D 150 -41.02 19.75 -11.05
C PRO D 150 -39.85 20.73 -11.07
N LYS D 151 -39.29 21.00 -12.24
CA LYS D 151 -38.17 21.93 -12.28
C LYS D 151 -38.55 23.26 -12.95
N GLY D 152 -39.86 23.48 -13.15
CA GLY D 152 -40.33 24.69 -13.78
C GLY D 152 -39.96 24.83 -15.27
N LEU D 153 -39.54 23.74 -15.90
CA LEU D 153 -39.10 23.85 -17.27
C LEU D 153 -40.19 24.13 -18.27
N TYR D 154 -41.39 23.60 -18.02
CA TYR D 154 -42.46 23.89 -18.96
C TYR D 154 -42.80 25.38 -18.95
N LYS D 155 -42.80 25.99 -17.77
CA LYS D 155 -43.09 27.42 -17.72
C LYS D 155 -41.97 28.17 -18.50
N LYS D 156 -40.71 27.77 -18.32
CA LYS D 156 -39.64 28.42 -19.07
C LYS D 156 -39.82 28.24 -20.57
N ALA D 157 -40.25 27.05 -21.01
CA ALA D 157 -40.47 26.82 -22.42
C ALA D 157 -41.61 27.68 -22.93
N ARG D 158 -42.68 27.79 -22.13
CA ARG D 158 -43.80 28.63 -22.59
C ARG D 158 -43.37 30.09 -22.70
N GLU D 159 -42.41 30.49 -21.87
CA GLU D 159 -41.94 31.88 -21.92
C GLU D 159 -40.83 32.10 -22.92
N GLY D 160 -40.35 31.05 -23.56
CA GLY D 160 -39.31 31.22 -24.53
C GLY D 160 -37.89 31.28 -23.94
N VAL D 161 -37.78 31.00 -22.63
CA VAL D 161 -36.49 30.98 -21.93
C VAL D 161 -35.71 29.71 -22.34
N ILE D 162 -36.43 28.60 -22.49
CA ILE D 162 -35.79 27.40 -23.03
C ILE D 162 -36.39 27.19 -24.40
N LYS D 163 -35.56 27.10 -25.42
CA LYS D 163 -36.02 26.87 -26.77
C LYS D 163 -36.18 25.38 -27.04
N GLU D 164 -36.97 25.06 -28.05
CA GLU D 164 -37.17 23.67 -28.53
C GLU D 164 -37.36 22.70 -27.37
N PHE D 165 -38.39 22.96 -26.59
CA PHE D 165 -38.67 22.10 -25.43
C PHE D 165 -39.79 21.13 -25.82
N THR D 166 -39.51 19.84 -25.73
CA THR D 166 -40.48 18.82 -26.13
C THR D 166 -41.84 19.03 -25.57
N GLY D 167 -42.83 19.03 -26.47
CA GLY D 167 -44.21 19.17 -26.03
C GLY D 167 -44.73 20.58 -26.04
N ILE D 168 -43.82 21.56 -26.08
CA ILE D 168 -44.18 22.96 -26.11
C ILE D 168 -43.67 23.58 -27.41
N SER D 169 -42.40 23.37 -27.72
CA SER D 169 -41.79 23.96 -28.90
C SER D 169 -40.87 23.03 -29.67
N ALA D 170 -41.06 21.74 -29.44
CA ALA D 170 -40.32 20.67 -30.13
C ALA D 170 -41.27 19.48 -30.13
N PRO D 171 -41.09 18.60 -31.10
CA PRO D 171 -42.01 17.46 -31.22
C PRO D 171 -41.83 16.31 -30.30
N TYR D 172 -42.91 15.55 -30.19
CA TYR D 172 -42.85 14.27 -29.50
C TYR D 172 -43.60 13.34 -30.44
N GLU D 173 -42.91 12.35 -30.99
CA GLU D 173 -43.52 11.41 -31.96
C GLU D 173 -43.86 10.14 -31.20
N ALA D 174 -45.13 9.95 -30.89
CA ALA D 174 -45.53 8.78 -30.09
C ALA D 174 -45.32 7.45 -30.77
N PRO D 175 -45.01 6.42 -30.00
CA PRO D 175 -44.80 5.10 -30.61
C PRO D 175 -46.10 4.55 -31.17
N ALA D 176 -45.97 3.93 -32.34
CA ALA D 176 -47.12 3.35 -33.00
C ALA D 176 -47.61 2.07 -32.36
N ASN D 177 -46.68 1.26 -31.89
CA ASN D 177 -47.05 -0.02 -31.31
C ASN D 177 -46.15 -0.38 -30.18
N PRO D 178 -46.25 0.37 -29.09
CA PRO D 178 -45.38 0.06 -27.94
C PRO D 178 -45.85 -1.26 -27.32
N GLU D 179 -44.91 -1.97 -26.74
CA GLU D 179 -45.26 -3.20 -26.05
C GLU D 179 -46.12 -2.89 -24.85
N VAL D 180 -45.87 -1.78 -24.18
CA VAL D 180 -46.67 -1.39 -23.03
C VAL D 180 -47.04 0.07 -23.16
N HIS D 181 -48.29 0.39 -22.87
CA HIS D 181 -48.78 1.76 -22.96
C HIS D 181 -49.29 2.10 -21.57
N VAL D 182 -48.57 2.95 -20.86
CA VAL D 182 -48.94 3.33 -19.50
C VAL D 182 -49.55 4.73 -19.51
N LYS D 183 -50.83 4.84 -19.18
CA LYS D 183 -51.53 6.14 -19.10
C LYS D 183 -51.21 6.56 -17.69
N ASN D 184 -50.04 7.19 -17.58
CA ASN D 184 -49.41 7.45 -16.31
C ASN D 184 -49.82 8.68 -15.55
N TYR D 185 -51.12 8.84 -15.37
CA TYR D 185 -51.68 10.00 -14.63
C TYR D 185 -52.76 9.48 -13.70
N GLU D 186 -52.83 10.08 -12.50
CA GLU D 186 -53.76 9.59 -11.46
C GLU D 186 -53.66 8.09 -11.37
N LEU D 187 -52.41 7.62 -11.33
CA LEU D 187 -52.13 6.20 -11.34
C LEU D 187 -51.00 5.89 -10.34
N PRO D 188 -51.25 5.06 -9.33
CA PRO D 188 -50.17 4.76 -8.38
C PRO D 188 -49.01 4.13 -9.15
N VAL D 189 -47.79 4.47 -8.75
CA VAL D 189 -46.61 3.93 -9.42
C VAL D 189 -46.62 2.42 -9.42
N GLN D 190 -47.09 1.80 -8.34
CA GLN D 190 -47.11 0.35 -8.31
C GLN D 190 -48.01 -0.25 -9.37
N ASP D 191 -49.10 0.43 -9.72
CA ASP D 191 -50.00 -0.10 -10.74
C ASP D 191 -49.32 0.00 -12.12
N ALA D 192 -48.60 1.11 -12.33
CA ALA D 192 -47.90 1.31 -13.58
C ALA D 192 -46.82 0.25 -13.76
N VAL D 193 -46.07 0.01 -12.69
CA VAL D 193 -45.01 -0.98 -12.79
C VAL D 193 -45.61 -2.37 -12.97
N LYS D 194 -46.75 -2.64 -12.32
CA LYS D 194 -47.36 -3.95 -12.51
C LYS D 194 -47.73 -4.16 -13.95
N GLN D 195 -48.15 -3.10 -14.62
CA GLN D 195 -48.49 -3.23 -16.00
C GLN D 195 -47.26 -3.69 -16.81
N ILE D 196 -46.09 -3.09 -16.51
CA ILE D 196 -44.89 -3.48 -17.22
C ILE D 196 -44.44 -4.92 -16.88
N ILE D 197 -44.41 -5.25 -15.60
CA ILE D 197 -43.96 -6.56 -15.20
C ILE D 197 -44.92 -7.64 -15.69
N ASP D 198 -46.22 -7.36 -15.68
CA ASP D 198 -47.13 -8.37 -16.21
C ASP D 198 -46.80 -8.62 -17.68
N TYR D 199 -46.53 -7.57 -18.45
CA TYR D 199 -46.19 -7.77 -19.84
C TYR D 199 -44.97 -8.68 -19.97
N LEU D 200 -43.91 -8.38 -19.22
CA LEU D 200 -42.68 -9.18 -19.25
C LEU D 200 -42.99 -10.65 -18.95
N ASP D 201 -43.88 -10.87 -17.98
CA ASP D 201 -44.26 -12.24 -17.63
C ASP D 201 -44.99 -12.95 -18.74
N THR D 202 -45.80 -12.24 -19.55
CA THR D 202 -46.50 -12.87 -20.67
C THR D 202 -45.49 -13.34 -21.72
N LYS D 203 -44.30 -12.74 -21.71
CA LYS D 203 -43.27 -13.12 -22.66
C LYS D 203 -42.29 -14.13 -22.06
N GLY D 204 -42.43 -14.37 -20.77
CA GLY D 204 -41.56 -15.29 -20.06
C GLY D 204 -40.13 -14.79 -19.92
N TYR D 205 -39.98 -13.47 -19.84
CA TYR D 205 -38.66 -12.87 -19.72
C TYR D 205 -38.08 -12.93 -18.31
N LEU D 206 -38.93 -13.22 -17.33
CA LEU D 206 -38.51 -13.24 -15.95
C LEU D 206 -38.64 -14.59 -15.27
N PRO D 207 -37.81 -14.83 -14.26
CA PRO D 207 -37.83 -16.07 -13.48
C PRO D 207 -39.16 -16.09 -12.75
N ALA D 208 -39.74 -17.26 -12.54
CA ALA D 208 -41.03 -17.37 -11.84
C ALA D 208 -41.04 -16.56 -10.54
N LYS D 209 -42.19 -15.98 -10.24
CA LYS D 209 -42.36 -15.15 -9.04
C LYS D 209 -42.33 -16.00 -7.77
S SO4 E . 37.64 -2.91 48.82
O1 SO4 E . 39.00 -3.14 49.39
O2 SO4 E . 37.03 -4.15 48.35
O3 SO4 E . 36.77 -2.47 49.94
O4 SO4 E . 37.69 -1.85 47.81
S SO4 F . 38.05 -4.18 40.71
O1 SO4 F . 36.93 -3.23 40.63
O2 SO4 F . 39.31 -3.41 40.81
O3 SO4 F . 38.01 -5.04 41.94
O4 SO4 F . 38.11 -5.08 39.55
S SO4 G . 43.59 3.17 23.24
O1 SO4 G . 43.11 4.31 24.03
O2 SO4 G . 43.98 2.06 24.15
O3 SO4 G . 42.52 2.75 22.32
O4 SO4 G . 44.78 3.58 22.47
PB AV2 H . 39.21 -10.27 11.47
O1B AV2 H . 40.23 -9.64 12.38
O2B AV2 H . 37.79 -10.40 12.05
O3B AV2 H . 39.20 -9.62 10.09
PA AV2 H . 39.04 -13.19 11.08
O1A AV2 H . 38.38 -13.60 12.30
O2A AV2 H . 38.23 -13.15 9.87
O3A AV2 H . 39.78 -11.77 11.26
O5' AV2 H . 40.24 -14.16 11.01
C5' AV2 H . 41.16 -14.16 9.92
C4' AV2 H . 41.80 -15.53 9.84
O4' AV2 H . 42.75 -15.76 10.91
C3' AV2 H . 40.92 -16.74 9.88
O3' AV2 H . 41.24 -17.66 8.80
C2' AV2 H . 41.17 -17.39 11.20
O2' AV2 H . 40.88 -18.78 11.08
C1' AV2 H . 42.58 -17.08 11.49
N9 AV2 H . 42.91 -17.00 12.87
C8 AV2 H . 42.31 -16.32 13.88
N7 AV2 H . 42.95 -16.51 15.01
C5 AV2 H . 43.98 -17.31 14.77
C6 AV2 H . 45.01 -17.87 15.55
N6 AV2 H . 45.12 -17.61 16.86
N1 AV2 H . 45.94 -18.69 14.93
C2 AV2 H . 45.88 -19.01 13.59
N3 AV2 H . 44.92 -18.50 12.83
C4 AV2 H . 43.95 -17.65 13.38
V AV2 H . 41.41 -19.57 9.36
O1V AV2 H . 42.98 -19.95 9.55
O2V AV2 H . 40.45 -20.83 9.50
SB ADX I . 36.63 0.12 10.24
O1B ADX I . 36.48 -0.31 11.64
O2B ADX I . 35.59 0.97 9.75
O3B ADX I . 37.95 0.61 9.91
PA ADX I . 35.53 -2.44 9.55
O1A ADX I . 36.05 -3.32 10.61
O2A ADX I . 34.18 -1.94 9.69
O3A ADX I . 36.58 -1.20 9.36
O5' ADX I . 35.71 -3.13 8.13
C5' ADX I . 36.99 -3.71 7.83
C4' ADX I . 36.77 -4.82 6.81
O4' ADX I . 36.30 -4.22 5.55
C3' ADX I . 38.10 -5.55 6.46
O3' ADX I . 38.22 -6.70 7.18
C2' ADX I . 38.02 -5.70 4.92
O2' ADX I . 37.17 -7.00 4.68
C1' ADX I . 37.11 -4.70 4.40
N9 ADX I . 37.72 -3.50 3.85
C8 ADX I . 37.34 -2.90 2.66
N7 ADX I . 38.02 -1.82 2.37
C5 ADX I . 38.91 -1.64 3.40
C6 ADX I . 39.91 -0.66 3.68
N6 ADX I . 40.12 0.35 2.86
N1 ADX I . 40.60 -0.82 4.83
C2 ADX I . 40.40 -1.85 5.69
N3 ADX I . 39.47 -2.84 5.54
C4 ADX I . 38.78 -2.65 4.33
S SO4 J . 0.92 0.02 6.88
O1 SO4 J . 0.14 1.09 6.22
O2 SO4 J . 2.03 0.64 7.66
O3 SO4 J . 0.08 -0.79 7.79
O4 SO4 J . 1.49 -0.87 5.85
PB ADP K . 4.16 8.94 23.09
O1B ADP K . 3.28 8.34 22.07
O2B ADP K . 5.35 8.00 23.46
O3B ADP K . 4.67 10.29 22.70
PA ADP K . 3.59 8.91 26.02
O1A ADP K . 3.63 7.48 26.37
O2A ADP K . 4.82 9.64 26.42
O3A ADP K . 3.29 9.14 24.43
O5' ADP K . 2.26 9.42 26.66
C5' ADP K . 1.94 10.82 26.46
C4' ADP K . 1.08 11.31 27.60
O4' ADP K . -0.16 10.61 27.60
C3' ADP K . 1.65 11.11 29.01
O3' ADP K . 1.41 12.26 29.86
C2' ADP K . 0.98 9.85 29.51
O2' ADP K . 1.02 9.68 30.94
C1' ADP K . -0.40 9.94 28.84
N9 ADP K . -0.91 8.60 28.56
C8 ADP K . -0.34 7.45 28.14
N7 ADP K . -1.24 6.50 28.04
C5 ADP K . -2.41 7.00 28.38
C6 ADP K . -3.72 6.51 28.49
N6 ADP K . -3.99 5.22 28.19
N1 ADP K . -4.74 7.37 28.90
C2 ADP K . -4.53 8.67 29.21
N3 ADP K . -3.26 9.16 29.12
C4 ADP K . -2.21 8.37 28.72
SB ADX L . 9.86 10.19 14.02
O1B ADX L . 9.51 8.80 14.18
O2B ADX L . 11.23 10.46 13.53
O3B ADX L . 8.85 10.95 13.21
PA ADX L . 10.32 10.23 16.85
O1A ADX L . 9.30 9.25 17.38
O2A ADX L . 11.75 9.78 16.63
O3A ADX L . 9.78 10.85 15.40
O5' ADX L . 10.31 11.53 17.69
C5' ADX L . 9.01 12.14 17.99
C4' ADX L . 9.14 12.91 19.29
O4' ADX L . 10.07 14.09 19.12
C3' ADX L . 7.75 13.55 19.70
O3' ADX L . 7.05 12.75 20.56
C2' ADX L . 8.19 14.93 20.23
O2' ADX L . 8.67 14.73 21.72
C1' ADX L . 9.45 15.33 19.61
N9 ADX L . 9.37 16.21 18.45
C8 ADX L . 10.11 17.35 18.31
N7 ADX L . 9.91 17.97 17.18
C5 ADX L . 8.96 17.24 16.52
C6 ADX L . 8.33 17.37 15.25
N6 ADX L . 8.63 18.37 14.44
N1 ADX L . 7.41 16.41 14.95
C2 ADX L . 7.11 15.38 15.77
N3 ADX L . 7.68 15.17 16.99
C4 ADX L . 8.60 16.15 17.27
C1 GOL M . -3.77 2.98 33.00
O1 GOL M . -4.31 4.25 32.68
C2 GOL M . -4.01 2.57 34.44
O2 GOL M . -2.80 2.69 35.19
C3 GOL M . -4.56 1.16 34.51
O3 GOL M . -3.85 0.21 33.69
S SO4 N . -5.36 -1.72 1.50
O1 SO4 N . -6.72 -1.15 1.37
O2 SO4 N . -4.38 -0.63 1.67
O3 SO4 N . -5.34 -2.58 2.71
O4 SO4 N . -5.00 -2.54 0.33
S SO4 O . -0.27 6.05 -15.94
O1 SO4 O . -0.75 7.22 -15.17
O2 SO4 O . 0.04 4.95 -14.98
O3 SO4 O . -1.33 5.65 -16.88
O4 SO4 O . 0.95 6.44 -16.66
PB AV2 P . -4.80 -7.14 -27.90
O1B AV2 P . -3.78 -6.58 -26.98
O2B AV2 P . -6.21 -7.25 -27.33
O3B AV2 P . -4.80 -6.47 -29.25
PA AV2 P . -5.02 -10.09 -28.32
O1A AV2 P . -5.69 -10.49 -27.09
O2A AV2 P . -5.88 -10.02 -29.46
O3A AV2 P . -4.28 -8.68 -28.11
O5' AV2 P . -3.81 -11.07 -28.43
C5' AV2 P . -2.92 -11.03 -29.51
C4' AV2 P . -2.30 -12.42 -29.72
O4' AV2 P . -1.31 -12.71 -28.70
C3' AV2 P . -3.22 -13.62 -29.67
O3' AV2 P . -2.94 -14.55 -30.75
C2' AV2 P . -3.00 -14.28 -28.36
O2' AV2 P . -3.38 -15.65 -28.43
C1' AV2 P . -1.54 -14.01 -28.12
N9 AV2 P . -1.22 -13.96 -26.69
C8 AV2 P . -1.85 -13.30 -25.67
N7 AV2 P . -1.20 -13.53 -24.54
C5 AV2 P . -0.17 -14.31 -24.81
C6 AV2 P . 0.85 -14.87 -24.05
N6 AV2 P . 0.90 -14.62 -22.72
N1 AV2 P . 1.79 -15.67 -24.65
C2 AV2 P . 1.78 -15.94 -25.99
N3 AV2 P . 0.80 -15.41 -26.76
C4 AV2 P . -0.19 -14.59 -26.20
V AV2 P . -2.83 -16.45 -30.16
O1V AV2 P . -1.21 -16.84 -29.99
O2V AV2 P . -3.74 -17.74 -29.94
SB ADX Q . -7.17 3.27 -28.98
O1B ADX Q . -7.30 2.82 -27.58
O2B ADX Q . -8.22 4.14 -29.45
O3B ADX Q . -5.84 3.76 -29.29
PA ADX Q . -8.30 0.71 -29.71
O1A ADX Q . -7.79 -0.19 -28.64
O2A ADX Q . -9.67 1.27 -29.57
O3A ADX Q . -7.24 1.94 -29.90
O5' ADX Q . -8.15 0.05 -31.15
C5' ADX Q . -6.87 -0.53 -31.47
C4' ADX Q . -7.12 -1.58 -32.51
O4' ADX Q . -7.56 -0.95 -33.76
C3' ADX Q . -5.78 -2.32 -32.87
O3' ADX Q . -5.68 -3.49 -32.16
C2' ADX Q . -5.88 -2.45 -34.39
O2' ADX Q . -6.76 -3.73 -34.61
C1' ADX Q . -6.75 -1.43 -34.92
N9 ADX Q . -6.09 -0.24 -35.47
C8 ADX Q . -6.44 0.33 -36.66
N7 ADX Q . -5.76 1.39 -36.95
C5 ADX Q . -4.89 1.56 -35.89
C6 ADX Q . -3.88 2.55 -35.58
N6 ADX Q . -3.64 3.56 -36.39
N1 ADX Q . -3.21 2.35 -34.43
C2 ADX Q . -3.44 1.35 -33.60
N3 ADX Q . -4.37 0.38 -33.77
C4 ADX Q . -5.05 0.58 -34.97
C1 GOL R . -6.75 2.30 -2.48
O1 GOL R . -6.31 3.64 -2.46
C2 GOL R . -7.54 1.98 -3.71
O2 GOL R . -7.28 2.96 -4.75
C3 GOL R . -9.01 1.90 -3.31
O3 GOL R . -9.80 1.03 -4.11
PB ADP S . -39.68 12.06 -16.27
O1B ADP S . -40.56 11.51 -17.30
O2B ADP S . -38.55 11.09 -15.92
O3B ADP S . -39.16 13.38 -16.68
PA ADP S . -40.25 12.08 -13.36
O1A ADP S . -40.18 10.63 -12.97
O2A ADP S . -38.97 12.76 -13.00
O3A ADP S . -40.57 12.29 -14.98
O5' ADP S . -41.54 12.61 -12.65
C5' ADP S . -41.88 14.01 -12.82
C4' ADP S . -42.63 14.50 -11.58
O4' ADP S . -43.90 13.87 -11.54
C3' ADP S . -42.00 14.18 -10.21
O3' ADP S . -42.12 15.31 -9.31
C2' ADP S . -42.73 12.94 -9.72
O2' ADP S . -42.67 12.71 -8.30
C1' ADP S . -44.13 13.13 -10.34
N9 ADP S . -44.71 11.80 -10.70
C8 ADP S . -44.18 10.66 -11.21
N7 ADP S . -45.11 9.76 -11.37
C5 ADP S . -46.26 10.26 -10.99
C6 ADP S . -47.58 9.81 -10.92
N6 ADP S . -47.87 8.57 -11.32
N1 ADP S . -48.59 10.63 -10.44
C2 ADP S . -48.33 11.91 -10.02
N3 ADP S . -47.06 12.37 -10.08
C4 ADP S . -46.01 11.61 -10.54
SB ADX T . -33.90 13.39 -25.25
O1B ADX T . -34.25 11.99 -25.09
O2B ADX T . -32.54 13.67 -25.69
O3B ADX T . -34.88 14.14 -26.02
PA ADX T . -33.50 13.41 -22.42
O1A ADX T . -34.51 12.41 -21.95
O2A ADX T . -32.09 12.95 -22.63
O3A ADX T . -34.03 14.04 -23.84
O5' ADX T . -33.50 14.69 -21.54
C5' ADX T . -34.78 15.30 -21.26
C4' ADX T . -34.70 16.02 -19.92
O4' ADX T . -33.77 17.19 -20.08
C3' ADX T . -36.08 16.69 -19.53
O3' ADX T . -36.79 15.87 -18.67
C2' ADX T . -35.64 18.05 -19.00
O2' ADX T . -35.20 17.86 -17.53
C1' ADX T . -34.36 18.43 -19.59
N9 ADX T . -34.41 19.33 -20.72
C8 ADX T . -33.65 20.46 -20.84
N7 ADX T . -33.85 21.11 -21.98
C5 ADX T . -34.81 20.39 -22.66
C6 ADX T . -35.44 20.55 -23.94
N6 ADX T . -35.13 21.53 -24.77
N1 ADX T . -36.37 19.62 -24.27
C2 ADX T . -36.70 18.59 -23.45
N3 ADX T . -36.13 18.34 -22.24
C4 ADX T . -35.20 19.31 -21.92
#